data_3G8R
#
_entry.id   3G8R
#
_cell.length_a   107.672
_cell.length_b   107.672
_cell.length_c   164.799
_cell.angle_alpha   90.000
_cell.angle_beta   90.000
_cell.angle_gamma   90.000
#
_symmetry.space_group_name_H-M   'P 41 21 2'
#
loop_
_entity.id
_entity.type
_entity.pdbx_description
1 polymer 'Probable spore coat polysaccharide biosynthesis protein E'
2 non-polymer 'ZINC ION'
3 water water
#
_entity_poly.entity_id   1
_entity_poly.type   'polypeptide(L)'
_entity_poly.pdbx_seq_one_letter_code
;(MSE)SLSKPLFIFE(MSE)ANNH(MSE)GNVEHGVALIRAIRESCQGFDFDFGFKLQYRNLDTFIHSSFKGRDDVKYVK
RFEETRLQPEQ(MSE)QKLVAE(MSE)KANGFKAICTPFDEESVDLIEAHGIEIIKIASCSFTDWPLLERIARSDKPVVA
STAGARREDIDKVVSF(MSE)LHRGKDLTI(MSE)HCVAEYPTPDDHLHLARIKTLRQQYAGVRIGYSTHEDPDL(MSE)
EPI(MSE)LAVAQGATVFEKHVGLPTDQYGINNYSANPEQVRRWLAAAARALA(MSE)LGDGEDDAVSETEQASLRSLRR
GVFATRPVAAGEALTADNVSFAFPPVEGQLTANEWSKYVRYTAKTPIAADAPV(MSE)AADLEPVNEGHHHHHH
;
_entity_poly.pdbx_strand_id   A,B
#
# COMPACT_ATOMS: atom_id res chain seq x y z
N LYS A 5 15.26 -4.92 -9.35
CA LYS A 5 15.55 -4.02 -8.17
C LYS A 5 15.00 -4.51 -6.81
N PRO A 6 13.80 -5.12 -6.78
CA PRO A 6 13.41 -5.63 -5.46
C PRO A 6 14.41 -6.67 -5.03
N LEU A 7 14.73 -6.72 -3.75
CA LEU A 7 15.62 -7.74 -3.29
C LEU A 7 14.90 -8.64 -2.30
N PHE A 8 14.93 -9.93 -2.58
CA PHE A 8 14.36 -10.87 -1.63
C PHE A 8 15.43 -11.66 -0.94
N ILE A 9 15.25 -11.84 0.36
CA ILE A 9 16.20 -12.54 1.19
C ILE A 9 15.61 -13.77 1.87
N PHE A 10 16.34 -14.86 1.77
CA PHE A 10 15.89 -16.12 2.33
C PHE A 10 16.70 -16.48 3.53
N GLU A 11 16.06 -16.41 4.68
CA GLU A 11 16.70 -16.67 5.96
C GLU A 11 16.72 -18.15 6.23
N ALA A 13 18.37 -19.25 8.89
CA ALA A 13 18.51 -19.27 10.33
C ALA A 13 19.21 -20.56 10.70
N ASN A 14 18.57 -21.38 11.51
CA ASN A 14 19.19 -22.61 11.92
C ASN A 14 18.51 -23.77 11.28
N ASN A 15 17.66 -23.49 10.30
CA ASN A 15 16.88 -24.56 9.67
C ASN A 15 17.71 -25.52 8.82
N HIS A 16 19.02 -25.32 8.79
CA HIS A 16 19.91 -26.32 8.21
C HIS A 16 19.91 -27.51 9.17
N GLY A 18 21.60 -28.17 11.85
CA GLY A 18 22.91 -28.70 12.20
C GLY A 18 23.57 -29.49 11.07
N ASN A 19 22.91 -29.55 9.91
CA ASN A 19 23.33 -30.45 8.82
C ASN A 19 23.59 -29.71 7.51
N VAL A 20 24.80 -29.84 6.95
CA VAL A 20 25.19 -29.13 5.71
C VAL A 20 24.58 -29.66 4.41
N GLU A 21 24.66 -30.98 4.20
CA GLU A 21 24.00 -31.62 3.08
C GLU A 21 22.59 -31.01 3.01
N HIS A 22 21.89 -31.04 4.14
CA HIS A 22 20.56 -30.42 4.27
C HIS A 22 20.76 -28.95 4.53
N GLY A 23 20.49 -28.10 3.57
CA GLY A 23 20.97 -26.75 3.72
C GLY A 23 21.62 -26.47 2.40
N VAL A 24 22.37 -27.44 1.90
CA VAL A 24 22.65 -27.43 0.46
C VAL A 24 21.37 -27.79 -0.31
N ALA A 25 20.68 -28.84 0.14
CA ALA A 25 19.45 -29.30 -0.54
C ALA A 25 18.32 -28.27 -0.46
N LEU A 26 18.49 -27.30 0.44
CA LEU A 26 17.53 -26.31 0.68
C LEU A 26 17.80 -25.06 -0.13
N ILE A 27 19.06 -24.66 -0.26
CA ILE A 27 19.42 -23.57 -1.17
C ILE A 27 18.93 -23.92 -2.57
N ARG A 28 19.22 -25.16 -2.99
CA ARG A 28 18.96 -25.59 -4.36
C ARG A 28 17.48 -25.63 -4.67
N ALA A 29 16.66 -25.93 -3.67
CA ALA A 29 15.22 -25.93 -3.88
C ALA A 29 14.72 -24.49 -3.93
N ILE A 30 15.21 -23.65 -3.03
CA ILE A 30 14.89 -22.26 -3.14
C ILE A 30 15.28 -21.70 -4.51
N ARG A 31 16.43 -22.08 -5.08
CA ARG A 31 16.72 -21.57 -6.44
C ARG A 31 15.66 -22.00 -7.43
N GLU A 32 15.23 -23.27 -7.35
CA GLU A 32 14.10 -23.79 -8.14
C GLU A 32 12.83 -22.93 -8.00
N SER A 33 12.56 -22.43 -6.79
CA SER A 33 11.38 -21.62 -6.59
C SER A 33 11.48 -20.28 -7.31
N CYS A 34 12.70 -19.74 -7.39
CA CYS A 34 12.91 -18.47 -8.09
C CYS A 34 12.76 -18.51 -9.61
N GLN A 35 12.51 -19.68 -10.18
CA GLN A 35 12.59 -19.81 -11.63
C GLN A 35 11.65 -18.80 -12.26
N GLY A 36 12.21 -17.89 -13.04
CA GLY A 36 11.38 -17.02 -13.88
C GLY A 36 11.15 -15.60 -13.41
N PHE A 37 11.47 -15.31 -12.14
CA PHE A 37 11.28 -13.95 -11.54
C PHE A 37 12.51 -13.13 -11.69
N ASP A 38 12.28 -11.84 -11.88
CA ASP A 38 13.32 -10.95 -12.26
C ASP A 38 13.57 -9.98 -11.13
N PHE A 39 14.10 -10.52 -10.06
CA PHE A 39 14.40 -9.77 -8.85
C PHE A 39 15.83 -10.09 -8.50
N ASP A 40 16.30 -9.44 -7.45
CA ASP A 40 17.54 -9.86 -6.80
C ASP A 40 17.20 -10.78 -5.66
N PHE A 41 18.15 -11.61 -5.30
CA PHE A 41 17.92 -12.60 -4.31
C PHE A 41 19.19 -12.69 -3.47
N GLY A 42 18.99 -12.84 -2.16
CA GLY A 42 20.04 -13.11 -1.20
C GLY A 42 19.62 -14.23 -0.26
N PHE A 43 20.60 -14.98 0.19
CA PHE A 43 20.41 -16.05 1.17
C PHE A 43 21.11 -15.66 2.46
N LYS A 44 20.47 -15.95 3.59
CA LYS A 44 20.99 -15.49 4.88
C LYS A 44 21.30 -16.58 5.91
N LEU A 45 22.48 -16.45 6.54
CA LEU A 45 22.92 -17.24 7.68
C LEU A 45 22.94 -16.45 8.96
N GLN A 46 23.10 -17.13 10.08
CA GLN A 46 23.22 -16.48 11.40
C GLN A 46 24.52 -16.91 12.04
N TYR A 47 25.37 -15.96 12.38
CA TYR A 47 26.64 -16.31 12.98
C TYR A 47 26.63 -15.98 14.43
N ARG A 48 26.81 -17.01 15.25
CA ARG A 48 27.13 -16.91 16.67
C ARG A 48 28.38 -17.73 16.96
N ASN A 49 29.32 -17.16 17.70
CA ASN A 49 30.49 -17.89 18.15
C ASN A 49 30.07 -18.60 19.40
N LEU A 50 29.57 -19.81 19.20
CA LEU A 50 28.89 -20.54 20.26
C LEU A 50 29.72 -20.76 21.52
N ASP A 51 31.05 -20.81 21.34
CA ASP A 51 32.03 -20.81 22.45
C ASP A 51 31.89 -19.65 23.43
N THR A 52 31.92 -18.43 22.89
CA THR A 52 31.81 -17.21 23.66
C THR A 52 30.35 -16.89 23.96
N PHE A 53 29.48 -17.20 23.00
CA PHE A 53 28.15 -16.64 22.98
C PHE A 53 27.25 -17.22 24.02
N ILE A 54 27.33 -18.53 24.20
CA ILE A 54 26.56 -19.19 25.22
C ILE A 54 27.43 -19.25 26.45
N HIS A 55 26.97 -18.57 27.48
CA HIS A 55 27.79 -18.44 28.66
C HIS A 55 27.97 -19.77 29.39
N SER A 56 29.16 -19.98 29.96
CA SER A 56 29.42 -21.15 30.78
C SER A 56 28.18 -21.54 31.60
N SER A 57 27.59 -20.56 32.28
CA SER A 57 26.51 -20.78 33.24
C SER A 57 25.27 -21.38 32.58
N PHE A 58 25.12 -21.15 31.29
CA PHE A 58 23.97 -21.69 30.59
C PHE A 58 24.22 -22.88 29.67
N LYS A 59 25.48 -23.28 29.49
CA LYS A 59 25.80 -24.46 28.72
C LYS A 59 24.95 -25.68 29.16
N GLY A 60 24.48 -26.44 28.18
CA GLY A 60 23.78 -27.69 28.44
C GLY A 60 22.42 -27.55 29.09
N ARG A 61 21.90 -26.33 29.19
CA ARG A 61 20.64 -26.13 29.89
C ARG A 61 19.46 -25.95 28.94
N ASP A 62 18.27 -26.24 29.46
CA ASP A 62 17.08 -26.11 28.63
C ASP A 62 15.90 -25.47 29.39
N ASP A 63 16.16 -24.87 30.55
CA ASP A 63 15.08 -24.27 31.35
C ASP A 63 14.76 -22.89 30.82
N VAL A 64 15.46 -22.49 29.78
CA VAL A 64 15.28 -21.17 29.19
C VAL A 64 15.33 -21.32 27.67
N LYS A 65 14.73 -20.36 26.97
CA LYS A 65 14.60 -20.44 25.53
C LYS A 65 15.92 -20.31 24.79
N TYR A 66 15.99 -21.03 23.67
CA TYR A 66 17.03 -20.89 22.62
C TYR A 66 18.37 -21.59 22.90
N VAL A 67 18.79 -21.63 24.15
CA VAL A 67 20.06 -22.28 24.45
C VAL A 67 20.20 -23.62 23.73
N LYS A 68 19.26 -24.51 23.95
CA LYS A 68 19.35 -25.89 23.47
C LYS A 68 19.25 -25.93 21.96
N ARG A 69 18.33 -25.14 21.43
CA ARG A 69 18.16 -25.07 19.99
C ARG A 69 19.49 -24.64 19.34
N PHE A 70 20.16 -23.65 19.94
CA PHE A 70 21.43 -23.16 19.43
C PHE A 70 22.53 -24.20 19.48
N GLU A 71 22.64 -24.88 20.62
CA GLU A 71 23.70 -25.87 20.79
C GLU A 71 23.53 -27.03 19.82
N GLU A 72 22.30 -27.50 19.66
CA GLU A 72 22.00 -28.67 18.81
C GLU A 72 22.29 -28.49 17.31
N THR A 73 22.13 -27.27 16.82
CA THR A 73 22.24 -27.01 15.38
C THR A 73 23.58 -26.37 15.01
N ARG A 74 24.49 -26.33 15.99
CA ARG A 74 25.85 -25.80 15.83
C ARG A 74 26.52 -26.27 14.52
N LEU A 75 27.13 -25.33 13.80
CA LEU A 75 28.00 -25.66 12.65
C LEU A 75 29.40 -25.00 12.73
N GLN A 76 30.42 -25.70 12.23
CA GLN A 76 31.79 -25.22 12.32
C GLN A 76 32.09 -24.31 11.14
N PRO A 77 32.95 -23.29 11.34
CA PRO A 77 33.35 -22.32 10.32
C PRO A 77 33.62 -22.97 8.97
N GLU A 78 34.21 -24.15 9.03
CA GLU A 78 34.51 -24.96 7.87
C GLU A 78 33.22 -25.15 7.05
N GLN A 79 32.18 -25.62 7.74
CA GLN A 79 30.89 -25.93 7.11
C GLN A 79 30.06 -24.67 6.72
N GLN A 81 31.40 -21.86 5.72
CA GLN A 81 32.00 -21.42 4.45
C GLN A 81 31.48 -22.27 3.31
N LYS A 82 31.17 -23.53 3.58
CA LYS A 82 30.64 -24.41 2.53
C LYS A 82 29.29 -23.90 2.02
N LEU A 83 28.45 -23.42 2.94
CA LEU A 83 27.11 -22.97 2.57
C LEU A 83 27.18 -21.69 1.77
N VAL A 84 28.01 -20.76 2.19
CA VAL A 84 28.27 -19.58 1.39
C VAL A 84 28.66 -19.99 -0.02
N ALA A 85 29.46 -21.04 -0.10
CA ALA A 85 29.98 -21.48 -1.36
C ALA A 85 28.82 -21.80 -2.30
N GLU A 86 27.91 -22.66 -1.87
CA GLU A 86 26.68 -22.92 -2.61
C GLU A 86 25.86 -21.64 -2.84
N LYS A 88 26.50 -18.68 -3.24
CA LYS A 88 27.08 -17.93 -4.35
C LYS A 88 27.04 -18.74 -5.63
N ALA A 89 27.34 -20.03 -5.52
CA ALA A 89 27.24 -20.93 -6.67
C ALA A 89 25.91 -20.78 -7.42
N ASN A 90 24.81 -20.59 -6.70
CA ASN A 90 23.47 -20.51 -7.29
C ASN A 90 23.09 -19.08 -7.68
N GLY A 91 23.91 -18.11 -7.30
CA GLY A 91 23.66 -16.74 -7.73
C GLY A 91 22.96 -15.95 -6.66
N PHE A 92 23.14 -16.34 -5.41
CA PHE A 92 22.56 -15.58 -4.34
C PHE A 92 23.57 -14.63 -3.79
N LYS A 93 23.18 -13.40 -3.56
CA LYS A 93 23.90 -12.58 -2.59
C LYS A 93 24.03 -13.36 -1.26
N ALA A 94 25.26 -13.52 -0.78
CA ALA A 94 25.54 -14.09 0.52
C ALA A 94 25.34 -13.02 1.57
N ILE A 95 24.38 -13.25 2.45
CA ILE A 95 24.05 -12.29 3.47
C ILE A 95 24.12 -12.98 4.80
N CYS A 96 24.60 -12.28 5.83
CA CYS A 96 24.73 -12.88 7.16
C CYS A 96 24.48 -11.97 8.39
N THR A 97 23.91 -12.55 9.43
CA THR A 97 23.68 -11.85 10.69
C THR A 97 24.63 -12.35 11.77
N PRO A 98 25.59 -11.50 12.14
CA PRO A 98 26.50 -11.78 13.23
C PRO A 98 25.83 -11.41 14.53
N PHE A 99 26.17 -12.07 15.61
CA PHE A 99 25.64 -11.62 16.91
C PHE A 99 26.79 -11.25 17.82
N ASP A 100 28.00 -11.68 17.43
CA ASP A 100 29.27 -11.47 18.15
C ASP A 100 30.13 -10.53 17.37
N GLU A 101 31.09 -9.90 18.03
CA GLU A 101 32.11 -9.19 17.31
C GLU A 101 32.89 -10.19 16.50
N GLU A 102 33.30 -11.27 17.15
CA GLU A 102 34.07 -12.33 16.46
C GLU A 102 33.35 -12.87 15.23
N SER A 103 32.02 -12.80 15.21
CA SER A 103 31.30 -13.31 14.04
C SER A 103 31.37 -12.33 12.87
N VAL A 104 31.51 -11.05 13.18
CA VAL A 104 31.82 -10.09 12.15
C VAL A 104 33.16 -10.45 11.49
N ASP A 105 34.17 -10.74 12.32
CA ASP A 105 35.49 -11.10 11.82
C ASP A 105 35.31 -12.21 10.82
N LEU A 106 34.55 -13.21 11.26
CA LEU A 106 34.29 -14.37 10.48
C LEU A 106 33.56 -14.02 9.18
N ILE A 107 32.51 -13.21 9.27
CA ILE A 107 31.82 -12.77 8.07
C ILE A 107 32.81 -12.24 7.02
N GLU A 108 33.83 -11.51 7.46
CA GLU A 108 34.87 -10.97 6.58
C GLU A 108 35.64 -12.08 5.85
N ALA A 109 36.14 -13.03 6.64
CA ALA A 109 36.88 -14.17 6.11
C ALA A 109 36.11 -14.94 5.02
N HIS A 110 34.80 -15.02 5.19
CA HIS A 110 33.97 -15.79 4.31
C HIS A 110 33.63 -15.03 3.06
N GLY A 111 33.99 -13.76 3.01
CA GLY A 111 33.64 -12.92 1.84
C GLY A 111 32.13 -12.81 1.63
N ILE A 112 31.40 -12.71 2.75
CA ILE A 112 29.99 -12.41 2.72
C ILE A 112 29.83 -10.96 2.27
N GLU A 113 28.82 -10.68 1.45
CA GLU A 113 28.62 -9.38 0.81
C GLU A 113 27.89 -8.36 1.68
N ILE A 114 27.00 -8.83 2.56
CA ILE A 114 26.10 -7.97 3.36
C ILE A 114 25.89 -8.38 4.86
N ILE A 115 25.66 -7.39 5.73
CA ILE A 115 25.44 -7.63 7.15
C ILE A 115 24.00 -7.37 7.58
N LYS A 116 23.27 -8.38 8.03
CA LYS A 116 22.00 -8.06 8.67
C LYS A 116 22.24 -7.83 10.14
N ILE A 117 21.64 -6.80 10.68
CA ILE A 117 21.54 -6.67 12.11
C ILE A 117 20.17 -7.19 12.59
N ALA A 118 20.16 -8.17 13.48
CA ALA A 118 18.89 -8.62 14.06
C ALA A 118 18.29 -7.55 14.98
N SER A 119 16.99 -7.64 15.19
CA SER A 119 16.30 -6.65 16.01
C SER A 119 16.78 -6.67 17.43
N CYS A 120 17.27 -7.83 17.88
CA CYS A 120 17.72 -8.03 19.27
C CYS A 120 19.05 -7.34 19.48
N SER A 121 19.89 -7.37 18.45
CA SER A 121 21.18 -6.72 18.48
C SER A 121 21.06 -5.30 17.99
N PHE A 122 19.84 -4.84 17.69
CA PHE A 122 19.73 -3.51 17.11
C PHE A 122 20.46 -2.50 17.97
N THR A 123 20.32 -2.57 19.29
CA THR A 123 21.00 -1.60 20.16
C THR A 123 22.22 -2.18 20.92
N ASP A 124 22.66 -3.34 20.48
CA ASP A 124 23.86 -3.97 21.02
C ASP A 124 25.08 -3.14 20.53
N TRP A 125 25.26 -1.98 21.17
CA TRP A 125 26.21 -0.94 20.76
C TRP A 125 27.61 -1.40 20.43
N PRO A 126 28.20 -2.20 21.33
CA PRO A 126 29.51 -2.75 21.02
C PRO A 126 29.50 -3.52 19.71
N LEU A 127 28.42 -4.25 19.44
CA LEU A 127 28.34 -5.01 18.19
C LEU A 127 28.27 -4.07 17.01
N LEU A 128 27.57 -2.94 17.19
CA LEU A 128 27.44 -1.95 16.14
C LEU A 128 28.76 -1.29 15.84
N GLU A 129 29.50 -0.92 16.89
CA GLU A 129 30.83 -0.38 16.70
C GLU A 129 31.64 -1.33 15.82
N ARG A 130 31.62 -2.63 16.13
CA ARG A 130 32.38 -3.60 15.33
C ARG A 130 31.94 -3.64 13.89
N ILE A 131 30.64 -3.44 13.66
CA ILE A 131 30.07 -3.51 12.31
C ILE A 131 30.43 -2.25 11.53
N ALA A 132 30.36 -1.13 12.22
CA ALA A 132 30.67 0.17 11.62
C ALA A 132 32.08 0.20 11.06
N ARG A 133 33.02 -0.41 11.75
CA ARG A 133 34.37 -0.43 11.24
C ARG A 133 34.54 -1.46 10.12
N SER A 134 33.43 -1.91 9.55
CA SER A 134 33.45 -2.85 8.43
C SER A 134 33.19 -2.02 7.19
N ASP A 135 33.19 -2.61 6.00
CA ASP A 135 32.93 -1.80 4.80
C ASP A 135 31.87 -2.39 3.83
N LYS A 136 30.94 -3.11 4.43
CA LYS A 136 29.84 -3.71 3.70
C LYS A 136 28.51 -3.02 4.02
N PRO A 137 27.57 -3.10 3.09
CA PRO A 137 26.21 -2.62 3.27
C PRO A 137 25.54 -3.21 4.51
N VAL A 138 24.56 -2.51 5.06
CA VAL A 138 23.91 -2.97 6.30
C VAL A 138 22.39 -2.96 6.18
N VAL A 139 21.81 -4.00 6.74
CA VAL A 139 20.39 -4.20 6.75
C VAL A 139 20.00 -4.42 8.21
N ALA A 140 19.18 -3.53 8.74
CA ALA A 140 18.94 -3.51 10.16
C ALA A 140 17.48 -3.73 10.46
N SER A 141 17.18 -4.62 11.39
CA SER A 141 15.76 -4.82 11.67
C SER A 141 15.46 -4.10 12.94
N THR A 142 14.22 -3.66 13.06
CA THR A 142 13.87 -2.68 14.08
C THR A 142 12.68 -3.09 15.01
N ALA A 143 12.25 -4.35 15.00
CA ALA A 143 11.18 -4.77 15.92
C ALA A 143 11.29 -4.20 17.35
N GLY A 144 10.26 -3.52 17.81
CA GLY A 144 10.28 -2.95 19.15
C GLY A 144 11.45 -2.02 19.43
N ALA A 145 12.02 -1.40 18.40
CA ALA A 145 13.06 -0.39 18.62
C ALA A 145 12.38 0.92 18.89
N ARG A 146 12.87 1.67 19.86
CA ARG A 146 12.41 3.04 20.04
C ARG A 146 12.81 3.91 18.84
N ARG A 147 11.99 4.91 18.55
CA ARG A 147 12.29 5.93 17.55
C ARG A 147 13.66 6.59 17.81
N GLU A 148 13.87 7.06 19.05
CA GLU A 148 15.14 7.66 19.45
C GLU A 148 16.36 6.74 19.17
N ASP A 149 16.18 5.44 19.34
CA ASP A 149 17.25 4.50 19.04
C ASP A 149 17.52 4.30 17.56
N ILE A 150 16.46 4.27 16.75
CA ILE A 150 16.57 3.98 15.33
C ILE A 150 17.13 5.20 14.70
N ASP A 151 16.66 6.34 15.19
CA ASP A 151 17.31 7.62 14.92
C ASP A 151 18.80 7.58 15.22
N LYS A 152 19.20 7.14 16.41
CA LYS A 152 20.63 7.17 16.74
C LYS A 152 21.35 6.32 15.72
N VAL A 153 20.84 5.11 15.55
CA VAL A 153 21.45 4.14 14.69
C VAL A 153 21.49 4.59 13.23
N VAL A 154 20.38 5.13 12.73
CA VAL A 154 20.37 5.62 11.36
C VAL A 154 21.40 6.70 11.21
N SER A 155 21.20 7.80 11.92
CA SER A 155 22.10 8.92 11.90
C SER A 155 23.57 8.48 11.96
N PHE A 156 23.88 7.61 12.90
CA PHE A 156 25.26 7.24 13.14
C PHE A 156 25.85 6.47 11.98
N LEU A 158 24.61 6.64 8.84
CA LEU A 158 24.55 7.46 7.63
C LEU A 158 25.70 8.45 7.59
N HIS A 159 26.04 8.95 8.77
CA HIS A 159 27.21 9.75 8.94
C HIS A 159 28.32 8.72 9.03
N ARG A 160 29.34 8.87 8.20
CA ARG A 160 30.29 7.75 7.99
C ARG A 160 29.78 6.79 6.88
N GLY A 161 28.85 7.31 6.09
CA GLY A 161 28.71 6.94 4.68
C GLY A 161 28.28 5.54 4.32
N LYS A 162 27.61 4.88 5.25
CA LYS A 162 27.13 3.53 5.03
C LYS A 162 25.92 3.41 4.10
N ASP A 163 25.88 2.32 3.34
CA ASP A 163 24.68 1.92 2.61
C ASP A 163 23.73 1.22 3.58
N LEU A 164 22.69 1.91 4.01
CA LEU A 164 21.79 1.32 5.02
C LEU A 164 20.43 0.94 4.50
N THR A 165 19.85 -0.09 5.11
CA THR A 165 18.52 -0.54 4.80
C THR A 165 17.89 -0.82 6.12
N ILE A 166 16.68 -0.32 6.32
CA ILE A 166 16.00 -0.49 7.59
C ILE A 166 14.70 -1.29 7.44
N HIS A 168 11.03 -3.19 8.61
CA HIS A 168 9.98 -3.38 9.59
C HIS A 168 10.00 -4.87 9.93
N CYS A 169 9.84 -5.17 11.22
CA CYS A 169 9.47 -6.50 11.58
C CYS A 169 8.88 -6.55 12.96
N VAL A 170 8.19 -7.64 13.24
CA VAL A 170 7.60 -7.85 14.52
C VAL A 170 8.17 -9.13 15.12
N ALA A 171 8.54 -9.03 16.40
CA ALA A 171 9.13 -10.12 17.13
C ALA A 171 8.04 -10.99 17.76
N GLU A 172 7.11 -11.47 16.96
CA GLU A 172 6.24 -12.51 17.44
C GLU A 172 6.42 -13.64 16.48
N TYR A 173 6.62 -14.81 17.05
CA TYR A 173 7.18 -15.91 16.33
C TYR A 173 6.22 -17.05 16.45
N PRO A 174 5.27 -17.19 15.53
CA PRO A 174 4.90 -16.46 14.33
C PRO A 174 4.04 -15.25 14.67
N THR A 175 3.74 -14.45 13.65
CA THR A 175 3.03 -13.20 13.85
C THR A 175 1.58 -13.30 13.41
N PRO A 176 0.64 -13.03 14.33
CA PRO A 176 -0.77 -12.98 13.97
C PRO A 176 -1.06 -11.94 12.90
N ASP A 177 -2.05 -12.23 12.05
CA ASP A 177 -2.49 -11.35 10.99
C ASP A 177 -2.84 -10.02 11.56
N ASP A 178 -3.74 -10.03 12.55
CA ASP A 178 -3.98 -8.99 13.55
C ASP A 178 -2.77 -8.08 13.88
N HIS A 179 -1.56 -8.59 13.69
CA HIS A 179 -0.41 -8.05 14.39
C HIS A 179 0.78 -7.76 13.48
N LEU A 180 0.58 -7.81 12.17
CA LEU A 180 1.64 -7.59 11.22
C LEU A 180 2.02 -6.13 11.18
N HIS A 181 1.08 -5.23 11.47
CA HIS A 181 1.38 -3.80 11.55
C HIS A 181 2.18 -3.34 10.36
N LEU A 182 1.64 -3.54 9.18
CA LEU A 182 2.40 -3.28 7.99
C LEU A 182 2.43 -1.83 7.72
N ALA A 183 1.49 -1.10 8.31
CA ALA A 183 1.49 0.35 8.22
C ALA A 183 2.83 0.86 8.61
N ARG A 184 3.57 0.11 9.41
CA ARG A 184 4.79 0.65 9.92
C ARG A 184 5.81 0.84 8.80
N ILE A 185 5.62 0.13 7.68
CA ILE A 185 6.57 0.25 6.59
C ILE A 185 6.60 1.71 6.10
N LYS A 186 5.41 2.33 6.04
CA LYS A 186 5.27 3.71 5.59
C LYS A 186 5.78 4.63 6.66
N THR A 187 5.57 4.25 7.93
CA THR A 187 6.02 5.10 9.00
C THR A 187 7.52 5.23 8.87
N LEU A 188 8.18 4.11 8.65
CA LEU A 188 9.61 4.14 8.55
C LEU A 188 10.03 4.90 7.33
N ARG A 189 9.34 4.67 6.21
CA ARG A 189 9.68 5.34 4.96
C ARG A 189 9.61 6.86 5.08
N GLN A 190 8.60 7.35 5.78
CA GLN A 190 8.41 8.79 5.93
C GLN A 190 9.42 9.41 6.92
N GLN A 191 9.78 8.66 7.95
CA GLN A 191 10.73 9.10 8.95
C GLN A 191 12.15 9.28 8.36
N TYR A 192 12.54 8.43 7.39
CA TYR A 192 13.96 8.32 6.95
C TYR A 192 14.16 8.33 5.43
N ALA A 193 14.44 9.50 4.89
CA ALA A 193 14.49 9.61 3.43
C ALA A 193 15.90 9.32 2.93
N GLY A 194 16.02 8.71 1.77
CA GLY A 194 17.33 8.21 1.31
C GLY A 194 17.90 7.08 2.20
N VAL A 195 17.02 6.22 2.70
CA VAL A 195 17.45 4.96 3.31
C VAL A 195 16.52 3.92 2.74
N ARG A 196 17.05 2.83 2.20
CA ARG A 196 16.18 1.78 1.66
C ARG A 196 15.29 1.22 2.76
N ILE A 197 14.01 1.03 2.46
CA ILE A 197 13.11 0.49 3.48
C ILE A 197 12.66 -0.90 3.11
N GLY A 198 12.62 -1.82 4.07
CA GLY A 198 12.20 -3.20 3.74
C GLY A 198 11.32 -3.80 4.80
N TYR A 199 11.05 -5.09 4.67
CA TYR A 199 10.10 -5.81 5.51
C TYR A 199 10.63 -7.20 5.77
N SER A 200 10.85 -7.57 7.01
CA SER A 200 11.30 -8.95 7.29
C SER A 200 10.20 -9.57 8.09
N THR A 201 9.90 -10.85 7.83
CA THR A 201 8.66 -11.39 8.29
C THR A 201 8.66 -12.75 8.99
N HIS A 202 7.72 -12.89 9.92
CA HIS A 202 7.47 -14.12 10.68
C HIS A 202 5.98 -14.44 10.60
N GLU A 203 5.36 -13.97 9.54
CA GLU A 203 3.97 -14.18 9.28
C GLU A 203 3.62 -15.62 8.91
N ASP A 204 4.46 -16.27 8.11
CA ASP A 204 3.86 -17.26 7.15
C ASP A 204 3.29 -18.52 7.71
N PRO A 205 1.96 -18.51 7.96
CA PRO A 205 1.41 -19.67 7.25
C PRO A 205 1.47 -19.08 5.81
N ASP A 206 1.20 -19.88 4.77
CA ASP A 206 1.23 -19.36 3.42
C ASP A 206 0.25 -18.23 3.15
N LEU A 207 0.69 -17.01 3.46
CA LEU A 207 -0.20 -15.87 3.51
C LEU A 207 -0.43 -15.13 2.20
N GLU A 209 -0.92 -12.14 0.97
CA GLU A 209 -1.27 -10.71 0.88
C GLU A 209 -0.31 -9.74 1.56
N PRO A 210 0.30 -10.14 2.70
CA PRO A 210 1.18 -9.19 3.39
C PRO A 210 2.26 -8.64 2.49
N ILE A 211 2.84 -9.48 1.65
CA ILE A 211 3.84 -9.03 0.69
C ILE A 211 3.28 -7.99 -0.29
N LEU A 213 0.73 -5.98 0.19
CA LEU A 213 0.58 -4.81 1.05
C LEU A 213 1.93 -4.16 1.30
N ALA A 214 2.98 -4.99 1.36
CA ALA A 214 4.29 -4.51 1.74
C ALA A 214 4.88 -3.77 0.56
N VAL A 215 4.75 -4.35 -0.62
CA VAL A 215 5.29 -3.72 -1.81
C VAL A 215 4.62 -2.40 -2.01
N ALA A 216 3.32 -2.39 -1.73
CA ALA A 216 2.47 -1.25 -2.08
C ALA A 216 2.92 -0.13 -1.24
N GLN A 217 3.45 -0.46 -0.09
CA GLN A 217 3.80 0.57 0.83
C GLN A 217 5.22 1.10 0.59
N GLY A 218 5.86 0.61 -0.47
CA GLY A 218 7.17 1.10 -0.86
C GLY A 218 8.34 0.44 -0.14
N ALA A 219 8.17 -0.77 0.36
CA ALA A 219 9.33 -1.57 0.75
C ALA A 219 9.96 -2.25 -0.47
N THR A 220 11.27 -2.45 -0.42
CA THR A 220 12.10 -2.77 -1.61
C THR A 220 13.01 -3.98 -1.37
N VAL A 221 12.97 -4.48 -0.14
CA VAL A 221 13.81 -5.58 0.34
C VAL A 221 12.91 -6.38 1.23
N PHE A 222 12.99 -7.69 1.10
CA PHE A 222 12.00 -8.54 1.72
C PHE A 222 12.68 -9.76 2.24
N GLU A 223 12.46 -10.07 3.50
CA GLU A 223 13.12 -11.21 4.13
C GLU A 223 12.07 -12.12 4.68
N LYS A 224 12.23 -13.42 4.41
CA LYS A 224 11.35 -14.44 4.91
C LYS A 224 12.18 -15.66 5.29
N HIS A 225 11.81 -16.32 6.41
CA HIS A 225 12.47 -17.56 6.83
C HIS A 225 12.06 -18.67 5.90
N VAL A 226 13.01 -19.58 5.62
CA VAL A 226 12.80 -20.72 4.72
C VAL A 226 13.32 -22.00 5.35
N GLY A 227 12.87 -23.13 4.85
CA GLY A 227 13.27 -24.43 5.34
C GLY A 227 12.75 -25.51 4.41
N LEU A 228 13.34 -26.70 4.45
CA LEU A 228 12.87 -27.80 3.60
C LEU A 228 12.26 -28.93 4.46
N PRO A 229 10.93 -29.06 4.42
CA PRO A 229 10.32 -30.25 5.02
C PRO A 229 10.89 -31.50 4.39
N THR A 230 10.87 -32.55 5.18
CA THR A 230 11.56 -33.78 4.88
C THR A 230 10.95 -34.81 5.83
N ASP A 231 11.02 -36.08 5.42
CA ASP A 231 10.75 -37.17 6.35
C ASP A 231 11.99 -37.25 7.25
N GLN A 232 11.76 -37.24 8.56
CA GLN A 232 12.79 -36.96 9.58
C GLN A 232 13.50 -35.58 9.33
N TYR A 233 12.68 -34.51 9.29
CA TYR A 233 12.99 -33.06 9.50
C TYR A 233 11.68 -32.28 9.39
N GLY A 234 11.27 -31.67 10.50
CA GLY A 234 10.08 -30.83 10.51
C GLY A 234 10.36 -29.40 10.06
N ILE A 235 9.34 -28.57 10.12
CA ILE A 235 9.50 -27.15 9.83
C ILE A 235 8.69 -26.35 10.83
N ASN A 236 9.19 -25.19 11.20
CA ASN A 236 8.39 -24.37 12.08
C ASN A 236 7.33 -23.56 11.38
N ASN A 237 6.63 -22.81 12.20
CA ASN A 237 5.34 -22.26 11.88
C ASN A 237 5.45 -20.84 11.29
N TYR A 238 6.70 -20.38 11.12
CA TYR A 238 7.02 -19.11 10.46
C TYR A 238 8.09 -19.28 9.38
N SER A 239 8.20 -20.49 8.79
CA SER A 239 9.23 -20.72 7.78
C SER A 239 8.58 -21.35 6.59
N ALA A 240 8.84 -20.78 5.41
CA ALA A 240 8.16 -21.23 4.20
C ALA A 240 8.94 -22.30 3.49
N ASN A 241 8.25 -23.32 2.99
CA ASN A 241 8.86 -24.32 2.15
C ASN A 241 8.99 -23.81 0.72
N PRO A 242 9.70 -24.55 -0.15
CA PRO A 242 9.94 -24.06 -1.51
C PRO A 242 8.66 -23.81 -2.30
N GLU A 243 7.62 -24.58 -2.03
CA GLU A 243 6.33 -24.37 -2.70
C GLU A 243 5.75 -23.01 -2.31
N GLN A 244 5.90 -22.60 -1.05
CA GLN A 244 5.27 -21.36 -0.65
C GLN A 244 6.13 -20.16 -0.94
N VAL A 245 7.42 -20.38 -1.14
CA VAL A 245 8.28 -19.30 -1.60
C VAL A 245 7.92 -18.86 -3.00
N ARG A 246 7.73 -19.82 -3.90
CA ARG A 246 7.38 -19.50 -5.26
C ARG A 246 6.12 -18.71 -5.30
N ARG A 247 5.14 -19.12 -4.49
CA ARG A 247 3.90 -18.39 -4.35
C ARG A 247 4.14 -16.98 -3.78
N TRP A 248 4.96 -16.88 -2.74
CA TRP A 248 5.38 -15.63 -2.17
C TRP A 248 5.86 -14.65 -3.24
N LEU A 249 6.68 -15.13 -4.17
CA LEU A 249 7.22 -14.26 -5.23
C LEU A 249 6.20 -14.01 -6.32
N ALA A 250 5.29 -14.95 -6.49
CA ALA A 250 4.24 -14.80 -7.49
C ALA A 250 3.32 -13.67 -7.09
N ALA A 251 3.18 -13.53 -5.77
CA ALA A 251 2.28 -12.57 -5.20
C ALA A 251 2.90 -11.21 -5.40
N ALA A 252 4.20 -11.10 -5.14
CA ALA A 252 4.84 -9.82 -5.28
C ALA A 252 4.78 -9.46 -6.76
N ALA A 253 5.10 -10.44 -7.61
CA ALA A 253 5.05 -10.30 -9.06
C ALA A 253 3.74 -9.69 -9.52
N ARG A 254 2.65 -10.25 -9.02
CA ARG A 254 1.32 -9.77 -9.31
C ARG A 254 1.09 -8.33 -8.83
N ALA A 255 1.47 -8.04 -7.59
CA ALA A 255 1.27 -6.74 -6.98
C ALA A 255 2.00 -5.66 -7.78
N LEU A 256 3.16 -5.99 -8.33
CA LEU A 256 3.89 -5.02 -9.10
C LEU A 256 3.13 -4.70 -10.36
N ALA A 257 2.53 -5.72 -10.98
CA ALA A 257 1.86 -5.51 -12.24
C ALA A 257 0.63 -4.66 -12.00
N LEU A 259 0.24 -2.68 -9.74
CA LEU A 259 0.58 -1.37 -9.23
C LEU A 259 0.97 -0.44 -10.37
N GLY A 260 1.52 -1.04 -11.42
CA GLY A 260 2.14 -0.27 -12.50
C GLY A 260 3.18 0.66 -11.96
N ASP A 261 3.54 1.65 -12.76
CA ASP A 261 4.56 2.62 -12.43
C ASP A 261 3.91 3.96 -12.03
N GLY A 262 4.20 4.45 -10.83
CA GLY A 262 3.60 5.71 -10.35
C GLY A 262 4.11 6.93 -11.08
N GLU A 263 5.18 6.73 -11.83
CA GLU A 263 5.83 7.76 -12.64
C GLU A 263 4.93 8.20 -13.79
N ASP A 264 4.32 7.22 -14.48
CA ASP A 264 3.48 7.46 -15.66
C ASP A 264 2.32 8.45 -15.46
N ASP A 265 2.47 9.63 -16.06
CA ASP A 265 1.34 10.49 -16.32
C ASP A 265 0.72 10.00 -17.64
N ALA A 266 1.57 9.41 -18.50
CA ALA A 266 1.19 8.96 -19.85
C ALA A 266 -0.22 8.34 -19.95
N VAL A 267 -0.87 8.60 -21.10
CA VAL A 267 -2.30 8.33 -21.29
C VAL A 267 -2.62 7.34 -22.43
N SER A 268 -3.50 6.39 -22.13
CA SER A 268 -3.91 5.38 -23.10
C SER A 268 -4.75 5.98 -24.23
N GLU A 269 -4.77 5.31 -25.38
CA GLU A 269 -5.59 5.77 -26.50
C GLU A 269 -7.06 5.37 -26.36
N THR A 270 -7.32 4.22 -25.73
CA THR A 270 -8.69 3.85 -25.34
C THR A 270 -9.20 4.97 -24.47
N GLU A 271 -8.58 5.15 -23.31
CA GLU A 271 -9.07 6.14 -22.36
C GLU A 271 -9.56 7.41 -23.08
N GLN A 272 -8.76 7.89 -24.03
CA GLN A 272 -9.06 9.16 -24.67
C GLN A 272 -10.32 9.18 -25.53
N ALA A 273 -10.56 8.10 -26.26
CA ALA A 273 -11.75 8.01 -27.10
C ALA A 273 -12.98 7.66 -26.26
N SER A 274 -12.83 6.71 -25.33
CA SER A 274 -13.83 6.46 -24.30
C SER A 274 -14.31 7.75 -23.65
N LEU A 275 -13.37 8.50 -23.08
CA LEU A 275 -13.74 9.73 -22.39
C LEU A 275 -14.44 10.72 -23.29
N ARG A 276 -13.99 10.85 -24.54
CA ARG A 276 -14.67 11.75 -25.43
C ARG A 276 -16.12 11.27 -25.66
N SER A 277 -16.30 9.95 -25.76
CA SER A 277 -17.60 9.41 -26.15
C SER A 277 -18.66 9.63 -25.10
N LEU A 278 -18.26 10.28 -24.01
CA LEU A 278 -19.20 10.57 -22.93
C LEU A 278 -19.27 12.05 -22.63
N ARG A 279 -18.46 12.84 -23.34
CA ARG A 279 -18.41 14.30 -23.17
C ARG A 279 -19.52 15.08 -23.86
N ARG A 280 -19.71 16.31 -23.40
CA ARG A 280 -20.77 17.19 -23.87
C ARG A 280 -20.21 18.08 -24.99
N GLY A 281 -20.81 17.99 -26.17
CA GLY A 281 -20.36 18.81 -27.30
C GLY A 281 -21.09 20.14 -27.28
N VAL A 282 -20.55 21.11 -28.02
CA VAL A 282 -21.11 22.43 -28.05
C VAL A 282 -21.84 22.57 -29.36
N PHE A 283 -23.13 22.90 -29.28
CA PHE A 283 -23.95 23.05 -30.48
C PHE A 283 -24.45 24.46 -30.59
N ALA A 284 -24.59 24.95 -31.82
CA ALA A 284 -25.31 26.22 -32.04
C ALA A 284 -26.82 26.04 -31.83
N THR A 285 -27.42 27.03 -31.18
CA THR A 285 -28.86 26.96 -30.93
C THR A 285 -29.64 27.83 -31.93
N ARG A 286 -28.88 28.53 -32.78
CA ARG A 286 -29.30 29.74 -33.48
C ARG A 286 -28.28 29.95 -34.61
N PRO A 287 -28.70 30.42 -35.80
CA PRO A 287 -27.64 30.55 -36.79
C PRO A 287 -26.59 31.54 -36.30
N VAL A 288 -25.33 31.24 -36.54
CA VAL A 288 -24.23 32.09 -36.13
C VAL A 288 -23.48 32.50 -37.39
N ALA A 289 -23.44 33.79 -37.64
CA ALA A 289 -22.78 34.36 -38.84
C ALA A 289 -21.27 34.34 -38.72
N ALA A 290 -20.60 34.52 -39.86
CA ALA A 290 -19.16 34.68 -39.85
C ALA A 290 -18.81 35.88 -38.97
N GLY A 291 -17.74 35.75 -38.20
CA GLY A 291 -17.34 36.83 -37.32
C GLY A 291 -18.31 37.17 -36.19
N GLU A 292 -19.39 36.38 -36.04
CA GLU A 292 -20.20 36.43 -34.82
C GLU A 292 -19.43 35.76 -33.70
N ALA A 293 -19.49 36.36 -32.52
CA ALA A 293 -18.92 35.72 -31.34
C ALA A 293 -19.89 34.70 -30.77
N LEU A 294 -19.34 33.63 -30.21
CA LEU A 294 -20.10 32.56 -29.66
C LEU A 294 -20.47 32.87 -28.23
N THR A 295 -21.75 32.86 -27.88
CA THR A 295 -22.13 33.20 -26.50
C THR A 295 -23.08 32.19 -25.82
N ALA A 296 -23.44 32.46 -24.57
CA ALA A 296 -24.40 31.62 -23.83
C ALA A 296 -25.77 31.48 -24.54
N ASP A 297 -26.20 32.54 -25.21
CA ASP A 297 -27.31 32.46 -26.15
C ASP A 297 -26.58 32.12 -27.42
N ASN A 298 -27.19 31.35 -28.31
CA ASN A 298 -26.48 30.84 -29.52
C ASN A 298 -25.74 29.49 -29.45
N VAL A 299 -25.18 29.11 -28.29
CA VAL A 299 -24.72 27.73 -28.08
C VAL A 299 -25.41 27.03 -26.91
N SER A 300 -25.39 25.70 -26.95
CA SER A 300 -25.83 24.85 -25.86
C SER A 300 -24.94 23.59 -25.79
N PHE A 301 -25.01 22.89 -24.67
CA PHE A 301 -24.17 21.72 -24.51
C PHE A 301 -25.03 20.49 -24.51
N ALA A 302 -24.54 19.43 -25.12
CA ALA A 302 -25.31 18.23 -25.26
C ALA A 302 -24.38 17.19 -25.75
N PHE A 303 -24.73 15.93 -25.53
CA PHE A 303 -23.89 14.85 -25.94
C PHE A 303 -24.55 13.96 -26.99
N PRO A 304 -23.74 13.17 -27.74
CA PRO A 304 -22.28 13.05 -27.68
C PRO A 304 -21.63 13.87 -28.77
N PRO A 305 -20.32 14.13 -28.68
CA PRO A 305 -19.73 14.93 -29.74
C PRO A 305 -19.31 14.07 -30.94
N VAL A 306 -19.16 14.71 -32.09
CA VAL A 306 -18.46 14.09 -33.20
C VAL A 306 -17.06 14.72 -33.24
N GLU A 307 -16.13 14.04 -33.90
CA GLU A 307 -14.83 14.59 -34.15
C GLU A 307 -15.04 15.79 -35.03
N GLY A 308 -14.28 16.88 -34.92
CA GLY A 308 -13.66 17.39 -33.73
C GLY A 308 -14.58 18.58 -33.47
N GLN A 309 -15.75 18.24 -32.94
CA GLN A 309 -16.68 19.21 -32.44
C GLN A 309 -16.04 19.79 -31.23
N LEU A 310 -16.30 21.07 -30.99
CA LEU A 310 -15.83 21.70 -29.80
C LEU A 310 -16.68 21.09 -28.68
N THR A 311 -16.03 20.78 -27.56
CA THR A 311 -16.70 20.19 -26.40
C THR A 311 -16.76 21.19 -25.26
N ALA A 312 -17.60 20.90 -24.29
CA ALA A 312 -17.88 21.76 -23.16
C ALA A 312 -16.65 21.90 -22.33
N ASN A 313 -15.85 20.84 -22.31
CA ASN A 313 -14.56 20.87 -21.67
C ASN A 313 -13.60 21.94 -22.19
N GLU A 314 -14.05 22.72 -23.17
CA GLU A 314 -13.22 23.75 -23.79
C GLU A 314 -13.94 25.10 -23.78
N TRP A 315 -15.14 25.12 -23.19
CA TRP A 315 -15.96 26.33 -23.16
C TRP A 315 -15.51 27.18 -22.02
N SER A 316 -15.89 28.45 -21.98
CA SER A 316 -15.33 29.35 -21.00
C SER A 316 -16.21 30.39 -20.32
N LYS A 317 -17.39 30.73 -20.85
CA LYS A 317 -18.24 31.73 -20.12
C LYS A 317 -17.88 33.18 -20.37
N TYR A 318 -16.58 33.44 -20.52
CA TYR A 318 -16.08 34.64 -21.22
C TYR A 318 -16.02 34.39 -22.73
N VAL A 319 -15.93 35.47 -23.51
CA VAL A 319 -15.93 35.37 -24.97
C VAL A 319 -14.56 34.95 -25.52
N ARG A 320 -14.45 33.71 -26.01
CA ARG A 320 -13.17 33.19 -26.50
C ARG A 320 -13.10 32.98 -28.00
N TYR A 321 -14.24 32.71 -28.66
CA TYR A 321 -14.24 32.37 -30.08
C TYR A 321 -15.25 33.12 -30.92
N THR A 322 -14.80 33.47 -32.13
CA THR A 322 -15.70 33.92 -33.18
C THR A 322 -15.74 32.86 -34.26
N ALA A 323 -16.87 32.78 -34.95
CA ALA A 323 -17.02 31.89 -36.09
C ALA A 323 -16.33 32.47 -37.35
N LYS A 324 -15.30 31.77 -37.84
CA LYS A 324 -14.66 32.10 -39.12
C LYS A 324 -15.62 31.97 -40.27
N THR A 325 -16.45 30.92 -40.25
CA THR A 325 -17.46 30.64 -41.27
C THR A 325 -18.83 30.45 -40.58
N PRO A 326 -19.96 30.68 -41.27
CA PRO A 326 -21.24 30.64 -40.55
C PRO A 326 -21.68 29.25 -40.10
N ILE A 327 -22.23 29.17 -38.90
CA ILE A 327 -22.67 27.92 -38.32
C ILE A 327 -24.19 27.82 -38.41
N ALA A 328 -24.71 26.74 -38.98
CA ALA A 328 -26.15 26.57 -39.04
C ALA A 328 -26.72 26.32 -37.65
N ALA A 329 -27.95 26.72 -37.41
CA ALA A 329 -28.59 26.38 -36.14
C ALA A 329 -28.68 24.87 -35.92
N ASP A 330 -28.58 24.49 -34.64
CA ASP A 330 -28.61 23.08 -34.15
C ASP A 330 -27.43 22.25 -34.69
N ALA A 331 -26.47 22.93 -35.28
CA ALA A 331 -25.31 22.23 -35.77
C ALA A 331 -24.18 22.17 -34.77
N PRO A 332 -23.36 21.13 -34.88
CA PRO A 332 -22.23 20.99 -33.99
C PRO A 332 -21.24 22.06 -34.32
N VAL A 333 -20.72 22.74 -33.31
CA VAL A 333 -19.71 23.74 -33.52
C VAL A 333 -18.41 22.99 -33.67
N ALA A 335 -14.47 22.80 -34.18
CA ALA A 335 -13.41 23.64 -33.63
C ALA A 335 -12.48 24.18 -34.71
N ALA A 336 -12.41 23.47 -35.83
CA ALA A 336 -11.62 23.98 -36.95
C ALA A 336 -12.26 25.23 -37.58
N ASP A 337 -13.49 25.56 -37.17
CA ASP A 337 -14.20 26.70 -37.75
C ASP A 337 -14.17 27.95 -36.88
N LEU A 338 -13.22 28.04 -35.96
CA LEU A 338 -13.27 29.16 -35.05
C LEU A 338 -11.94 29.85 -34.90
N GLU A 339 -12.01 31.18 -34.96
CA GLU A 339 -10.86 32.02 -34.69
C GLU A 339 -10.95 32.57 -33.25
N PRO A 340 -9.83 32.47 -32.52
CA PRO A 340 -9.79 32.85 -31.13
C PRO A 340 -9.73 34.36 -30.92
N VAL A 341 -10.19 34.81 -29.75
CA VAL A 341 -10.35 36.23 -29.49
C VAL A 341 -9.59 36.65 -28.25
N LYS B 5 -13.40 7.67 8.88
CA LYS B 5 -13.43 6.21 8.52
C LYS B 5 -13.61 5.94 7.00
N PRO B 6 -13.23 4.76 6.53
CA PRO B 6 -13.34 4.54 5.09
C PRO B 6 -14.74 4.71 4.57
N LEU B 7 -14.86 5.23 3.35
CA LEU B 7 -16.15 5.38 2.71
C LEU B 7 -16.31 4.49 1.48
N PHE B 8 -17.43 3.79 1.40
CA PHE B 8 -17.65 2.89 0.28
C PHE B 8 -18.84 3.32 -0.51
N ILE B 9 -18.57 3.75 -1.72
CA ILE B 9 -19.60 4.19 -2.57
C ILE B 9 -19.99 3.08 -3.55
N PHE B 10 -21.28 2.75 -3.58
CA PHE B 10 -21.78 1.78 -4.55
C PHE B 10 -22.44 2.45 -5.73
N GLU B 11 -21.78 2.35 -6.88
CA GLU B 11 -22.26 2.95 -8.12
C GLU B 11 -23.38 2.13 -8.74
N ALA B 13 -25.21 3.48 -11.17
CA ALA B 13 -25.27 3.79 -12.59
C ALA B 13 -26.72 3.55 -13.08
N ASN B 14 -26.83 2.83 -14.21
CA ASN B 14 -28.08 2.57 -14.87
C ASN B 14 -28.33 1.07 -14.72
N ASN B 15 -27.71 0.49 -13.70
CA ASN B 15 -27.99 -0.89 -13.33
C ASN B 15 -29.34 -1.12 -12.67
N HIS B 16 -30.12 -0.06 -12.51
CA HIS B 16 -31.54 -0.27 -12.20
C HIS B 16 -32.29 -0.70 -13.45
N GLY B 18 -33.65 0.59 -15.63
CA GLY B 18 -34.84 1.40 -15.91
C GLY B 18 -36.08 1.09 -15.09
N ASN B 19 -35.97 0.07 -14.24
CA ASN B 19 -37.01 -0.40 -13.33
C ASN B 19 -36.72 0.09 -11.87
N VAL B 20 -37.61 0.91 -11.32
CA VAL B 20 -37.53 1.36 -9.92
C VAL B 20 -37.57 0.23 -8.89
N GLU B 21 -38.49 -0.71 -9.05
CA GLU B 21 -38.58 -1.81 -8.12
C GLU B 21 -37.31 -2.60 -8.11
N HIS B 22 -36.66 -2.73 -9.25
CA HIS B 22 -35.44 -3.52 -9.29
C HIS B 22 -34.35 -2.75 -8.59
N GLY B 23 -34.33 -1.44 -8.81
CA GLY B 23 -33.33 -0.58 -8.19
C GLY B 23 -33.45 -0.71 -6.69
N VAL B 24 -34.67 -0.57 -6.19
CA VAL B 24 -34.99 -0.79 -4.79
C VAL B 24 -34.42 -2.11 -4.25
N ALA B 25 -34.68 -3.19 -4.96
CA ALA B 25 -34.26 -4.52 -4.49
C ALA B 25 -32.76 -4.64 -4.45
N LEU B 26 -32.10 -3.83 -5.28
CA LEU B 26 -30.65 -3.76 -5.38
C LEU B 26 -30.10 -3.09 -4.13
N ILE B 27 -30.63 -1.90 -3.86
CA ILE B 27 -30.29 -1.14 -2.68
C ILE B 27 -30.42 -2.09 -1.49
N ARG B 28 -31.55 -2.79 -1.42
CA ARG B 28 -31.80 -3.72 -0.31
C ARG B 28 -30.82 -4.88 -0.26
N ALA B 29 -30.50 -5.43 -1.42
CA ALA B 29 -29.52 -6.51 -1.46
C ALA B 29 -28.17 -5.98 -1.05
N ILE B 30 -27.89 -4.73 -1.32
CA ILE B 30 -26.57 -4.27 -0.98
C ILE B 30 -26.49 -3.91 0.49
N ARG B 31 -27.58 -3.42 1.08
CA ARG B 31 -27.57 -3.20 2.53
C ARG B 31 -27.16 -4.47 3.28
N GLU B 32 -27.80 -5.59 2.98
CA GLU B 32 -27.32 -6.86 3.53
C GLU B 32 -25.80 -7.07 3.41
N SER B 33 -25.23 -6.93 2.20
CA SER B 33 -23.79 -7.13 2.04
C SER B 33 -22.97 -6.31 3.03
N CYS B 34 -23.51 -5.20 3.51
CA CYS B 34 -22.78 -4.27 4.37
C CYS B 34 -22.82 -4.59 5.87
N GLN B 35 -23.63 -5.58 6.25
CA GLN B 35 -23.90 -5.89 7.64
C GLN B 35 -22.60 -6.21 8.36
N GLY B 36 -22.37 -5.52 9.49
CA GLY B 36 -21.27 -5.81 10.40
C GLY B 36 -20.04 -4.90 10.32
N PHE B 37 -19.94 -4.08 9.27
CA PHE B 37 -18.69 -3.36 9.02
C PHE B 37 -18.77 -1.96 9.50
N ASP B 38 -17.71 -1.49 10.11
CA ASP B 38 -17.69 -0.17 10.72
C ASP B 38 -17.09 0.81 9.75
N PHE B 39 -17.72 0.90 8.57
CA PHE B 39 -17.36 1.86 7.57
C PHE B 39 -18.51 2.81 7.37
N ASP B 40 -18.27 3.88 6.60
CA ASP B 40 -19.37 4.61 5.94
C ASP B 40 -19.76 4.02 4.57
N PHE B 41 -21.03 4.13 4.24
CA PHE B 41 -21.49 3.68 2.96
C PHE B 41 -22.33 4.71 2.28
N GLY B 42 -22.18 4.78 0.95
CA GLY B 42 -22.97 5.62 0.11
C GLY B 42 -23.40 4.79 -1.06
N PHE B 43 -24.56 5.15 -1.58
CA PHE B 43 -25.08 4.64 -2.83
C PHE B 43 -25.20 5.84 -3.75
N LYS B 44 -24.85 5.61 -5.00
CA LYS B 44 -24.66 6.67 -5.95
C LYS B 44 -25.54 6.43 -7.13
N LEU B 45 -26.20 7.49 -7.60
CA LEU B 45 -26.93 7.52 -8.87
C LEU B 45 -26.21 8.33 -9.92
N GLN B 46 -26.78 8.32 -11.13
CA GLN B 46 -26.24 9.11 -12.24
C GLN B 46 -27.35 9.93 -12.86
N TYR B 47 -27.24 11.24 -12.77
CA TYR B 47 -28.30 12.16 -13.22
C TYR B 47 -27.95 12.86 -14.52
N ARG B 48 -28.82 12.70 -15.49
CA ARG B 48 -28.71 13.37 -16.80
C ARG B 48 -30.11 13.75 -17.14
N ASN B 49 -30.32 15.03 -17.40
CA ASN B 49 -31.56 15.49 -17.97
C ASN B 49 -31.60 15.13 -19.48
N LEU B 50 -32.03 13.91 -19.80
CA LEU B 50 -31.88 13.39 -21.15
C LEU B 50 -32.56 14.21 -22.25
N ASP B 51 -33.73 14.79 -21.97
CA ASP B 51 -34.49 15.52 -23.02
C ASP B 51 -33.50 16.45 -23.68
N THR B 52 -32.61 16.95 -22.85
CA THR B 52 -31.68 17.98 -23.19
C THR B 52 -30.24 17.47 -23.37
N PHE B 53 -29.90 16.37 -22.71
CA PHE B 53 -28.52 15.97 -22.62
C PHE B 53 -28.12 15.19 -23.87
N ILE B 54 -29.05 14.40 -24.38
CA ILE B 54 -28.83 13.73 -25.63
C ILE B 54 -29.34 14.64 -26.70
N HIS B 55 -28.46 15.08 -27.59
CA HIS B 55 -28.84 16.03 -28.63
C HIS B 55 -29.75 15.37 -29.63
N SER B 56 -30.73 16.11 -30.10
CA SER B 56 -31.62 15.63 -31.16
C SER B 56 -30.82 14.90 -32.20
N SER B 57 -29.78 15.55 -32.72
CA SER B 57 -28.95 14.92 -33.73
C SER B 57 -28.72 13.47 -33.43
N PHE B 58 -28.76 13.09 -32.16
CA PHE B 58 -28.48 11.71 -31.76
C PHE B 58 -29.64 10.88 -31.18
N LYS B 59 -30.78 11.50 -30.93
CA LYS B 59 -31.89 10.76 -30.34
C LYS B 59 -32.27 9.60 -31.23
N GLY B 60 -32.49 8.44 -30.60
CA GLY B 60 -32.99 7.26 -31.27
C GLY B 60 -31.90 6.41 -31.93
N ARG B 61 -30.66 6.77 -31.68
CA ARG B 61 -29.59 6.19 -32.44
C ARG B 61 -28.79 5.19 -31.63
N ASP B 62 -28.25 4.16 -32.29
CA ASP B 62 -27.48 3.14 -31.60
C ASP B 62 -26.22 2.87 -32.40
N ASP B 63 -25.67 3.99 -32.84
CA ASP B 63 -24.77 4.09 -33.97
C ASP B 63 -23.36 4.22 -33.31
N VAL B 64 -23.40 4.70 -32.06
CA VAL B 64 -22.22 5.04 -31.28
C VAL B 64 -22.58 4.71 -29.82
N LYS B 65 -21.58 4.51 -28.96
CA LYS B 65 -21.85 3.94 -27.64
C LYS B 65 -22.76 4.86 -26.77
N TYR B 66 -23.41 4.24 -25.79
CA TYR B 66 -24.17 4.90 -24.70
C TYR B 66 -25.55 5.46 -25.00
N VAL B 67 -25.74 6.05 -26.17
CA VAL B 67 -27.00 6.71 -26.41
C VAL B 67 -28.18 5.76 -26.07
N LYS B 68 -28.18 4.58 -26.68
CA LYS B 68 -29.21 3.62 -26.45
C LYS B 68 -29.36 3.33 -24.97
N ARG B 69 -28.30 2.88 -24.35
CA ARG B 69 -28.40 2.45 -22.96
C ARG B 69 -29.05 3.58 -22.13
N PHE B 70 -28.58 4.80 -22.35
CA PHE B 70 -29.22 5.89 -21.65
C PHE B 70 -30.70 5.86 -21.97
N GLU B 71 -31.09 5.98 -23.23
CA GLU B 71 -32.52 6.08 -23.49
C GLU B 71 -33.34 4.93 -22.91
N GLU B 72 -32.90 3.69 -23.15
CA GLU B 72 -33.52 2.48 -22.62
C GLU B 72 -33.73 2.41 -21.10
N THR B 73 -32.81 3.00 -20.33
CA THR B 73 -32.89 2.92 -18.87
C THR B 73 -33.44 4.22 -18.25
N ARG B 74 -33.95 5.11 -19.09
CA ARG B 74 -34.49 6.36 -18.61
C ARG B 74 -35.41 6.20 -17.39
N LEU B 75 -35.13 6.96 -16.34
CA LEU B 75 -35.98 7.10 -15.16
C LEU B 75 -36.40 8.54 -14.91
N GLN B 76 -37.65 8.71 -14.50
CA GLN B 76 -38.20 10.02 -14.31
C GLN B 76 -37.76 10.54 -12.93
N PRO B 77 -37.80 11.86 -12.72
CA PRO B 77 -37.44 12.40 -11.42
C PRO B 77 -38.18 11.77 -10.23
N GLU B 78 -39.48 11.57 -10.35
CA GLU B 78 -40.30 11.00 -9.27
C GLU B 78 -39.73 9.63 -8.95
N GLN B 79 -39.10 9.01 -9.93
CA GLN B 79 -38.60 7.66 -9.73
C GLN B 79 -37.21 7.69 -9.14
N GLN B 81 -36.31 10.22 -7.23
CA GLN B 81 -36.68 10.60 -5.85
C GLN B 81 -37.02 9.37 -5.00
N LYS B 82 -37.79 8.40 -5.53
CA LYS B 82 -38.02 7.17 -4.76
C LYS B 82 -36.72 6.44 -4.41
N LEU B 83 -35.79 6.30 -5.35
CA LEU B 83 -34.51 5.65 -5.04
C LEU B 83 -33.72 6.39 -3.97
N VAL B 84 -33.53 7.70 -4.10
CA VAL B 84 -32.83 8.44 -3.06
C VAL B 84 -33.43 8.12 -1.70
N ALA B 85 -34.75 8.26 -1.62
CA ALA B 85 -35.51 7.86 -0.44
C ALA B 85 -35.14 6.49 0.02
N GLU B 86 -35.07 5.52 -0.89
CA GLU B 86 -34.78 4.18 -0.41
C GLU B 86 -33.40 4.19 0.16
N LYS B 88 -31.61 6.35 1.57
CA LYS B 88 -31.46 7.02 2.82
C LYS B 88 -32.00 6.12 3.90
N ALA B 89 -33.07 5.40 3.58
CA ALA B 89 -33.81 4.62 4.60
C ALA B 89 -33.00 3.45 5.13
N ASN B 90 -32.17 2.87 4.27
CA ASN B 90 -31.23 1.82 4.62
C ASN B 90 -29.98 2.44 5.21
N GLY B 91 -30.07 3.73 5.54
CA GLY B 91 -28.95 4.45 6.10
C GLY B 91 -27.75 4.53 5.18
N PHE B 92 -27.96 4.68 3.88
CA PHE B 92 -26.84 4.99 3.00
C PHE B 92 -26.75 6.47 2.84
N LYS B 93 -25.54 6.97 2.65
CA LYS B 93 -25.37 8.35 2.18
C LYS B 93 -25.87 8.41 0.77
N ALA B 94 -26.49 9.52 0.41
CA ALA B 94 -26.99 9.70 -0.95
C ALA B 94 -25.97 10.49 -1.76
N ILE B 95 -25.54 9.87 -2.86
CA ILE B 95 -24.51 10.46 -3.72
C ILE B 95 -24.96 10.49 -5.15
N CYS B 96 -24.51 11.49 -5.93
CA CYS B 96 -24.86 11.48 -7.33
C CYS B 96 -23.81 12.11 -8.24
N THR B 97 -23.75 11.62 -9.48
CA THR B 97 -23.01 12.30 -10.53
C THR B 97 -24.01 13.03 -11.42
N PRO B 98 -23.97 14.36 -11.38
CA PRO B 98 -24.74 15.09 -12.35
C PRO B 98 -23.85 15.22 -13.61
N PHE B 99 -24.45 15.21 -14.80
CA PHE B 99 -23.69 15.43 -16.01
C PHE B 99 -24.09 16.72 -16.75
N ASP B 100 -25.12 17.39 -16.29
CA ASP B 100 -25.45 18.67 -16.88
C ASP B 100 -25.87 19.58 -15.74
N GLU B 101 -26.19 20.83 -16.02
CA GLU B 101 -26.44 21.73 -14.90
C GLU B 101 -27.86 21.60 -14.30
N GLU B 102 -28.81 21.13 -15.11
CA GLU B 102 -30.13 20.84 -14.57
C GLU B 102 -30.07 19.68 -13.57
N SER B 103 -29.09 18.80 -13.75
CA SER B 103 -29.00 17.69 -12.86
C SER B 103 -28.52 18.11 -11.48
N VAL B 104 -27.71 19.15 -11.44
CA VAL B 104 -27.27 19.66 -10.16
C VAL B 104 -28.47 20.26 -9.38
N ASP B 105 -29.32 21.04 -10.07
CA ASP B 105 -30.58 21.47 -9.46
C ASP B 105 -31.39 20.35 -8.86
N LEU B 106 -31.44 19.22 -9.55
CA LEU B 106 -32.29 18.11 -9.13
C LEU B 106 -31.65 17.43 -7.95
N ILE B 107 -30.33 17.34 -7.99
CA ILE B 107 -29.58 16.88 -6.82
C ILE B 107 -29.96 17.78 -5.65
N GLU B 108 -30.04 19.07 -5.83
CA GLU B 108 -30.33 19.90 -4.67
C GLU B 108 -31.75 19.65 -4.23
N ALA B 109 -32.64 19.58 -5.20
CA ALA B 109 -34.05 19.34 -4.95
C ALA B 109 -34.30 18.00 -4.25
N HIS B 110 -33.56 16.96 -4.63
CA HIS B 110 -33.86 15.60 -4.18
C HIS B 110 -33.23 15.33 -2.84
N GLY B 111 -32.36 16.23 -2.41
CA GLY B 111 -31.78 16.16 -1.10
C GLY B 111 -30.58 15.24 -1.01
N ILE B 112 -29.99 14.95 -2.17
CA ILE B 112 -28.75 14.22 -2.27
C ILE B 112 -27.63 14.92 -1.48
N GLU B 113 -26.73 14.15 -0.82
CA GLU B 113 -25.70 14.72 0.11
C GLU B 113 -24.30 15.04 -0.44
N ILE B 114 -23.87 14.34 -1.50
CA ILE B 114 -22.52 14.51 -2.03
C ILE B 114 -22.57 14.52 -3.54
N ILE B 115 -21.68 15.26 -4.18
CA ILE B 115 -21.64 15.35 -5.62
C ILE B 115 -20.40 14.62 -6.21
N LYS B 116 -20.61 13.65 -7.10
CA LYS B 116 -19.48 12.97 -7.69
C LYS B 116 -19.23 13.58 -9.07
N ILE B 117 -17.99 13.71 -9.46
CA ILE B 117 -17.76 14.19 -10.81
C ILE B 117 -17.10 13.09 -11.61
N ALA B 118 -17.74 12.64 -12.68
CA ALA B 118 -17.18 11.60 -13.55
C ALA B 118 -15.95 12.16 -14.23
N SER B 119 -15.07 11.23 -14.65
CA SER B 119 -13.85 11.59 -15.31
C SER B 119 -14.11 12.41 -16.59
N CYS B 120 -15.16 12.07 -17.31
CA CYS B 120 -15.42 12.73 -18.61
C CYS B 120 -15.87 14.18 -18.42
N SER B 121 -16.43 14.48 -17.24
CA SER B 121 -16.85 15.82 -16.90
C SER B 121 -15.83 16.51 -16.00
N PHE B 122 -14.67 15.88 -15.77
CA PHE B 122 -13.66 16.47 -14.89
C PHE B 122 -13.27 17.88 -15.34
N THR B 123 -13.06 18.11 -16.63
CA THR B 123 -12.83 19.49 -17.01
C THR B 123 -14.00 20.22 -17.70
N ASP B 124 -15.24 19.87 -17.32
CA ASP B 124 -16.43 20.47 -17.90
C ASP B 124 -16.75 21.77 -17.15
N TRP B 125 -16.00 22.82 -17.48
CA TRP B 125 -16.04 24.05 -16.72
C TRP B 125 -17.47 24.55 -16.51
N PRO B 126 -18.33 24.45 -17.54
CA PRO B 126 -19.63 25.02 -17.25
C PRO B 126 -20.32 24.21 -16.19
N LEU B 127 -20.17 22.89 -16.20
CA LEU B 127 -20.73 22.05 -15.16
C LEU B 127 -20.04 22.35 -13.84
N LEU B 128 -18.72 22.41 -13.89
CA LEU B 128 -17.95 22.75 -12.70
C LEU B 128 -18.44 24.01 -12.03
N GLU B 129 -18.81 25.00 -12.83
CA GLU B 129 -19.09 26.30 -12.27
C GLU B 129 -20.45 26.23 -11.62
N ARG B 130 -21.26 25.30 -12.11
CA ARG B 130 -22.55 25.06 -11.53
C ARG B 130 -22.35 24.31 -10.24
N ILE B 131 -21.56 23.26 -10.31
CA ILE B 131 -21.30 22.45 -9.14
C ILE B 131 -20.67 23.27 -8.02
N ALA B 132 -19.78 24.19 -8.36
CA ALA B 132 -19.16 25.01 -7.34
C ALA B 132 -20.22 25.79 -6.56
N ARG B 133 -21.40 26.00 -7.14
CA ARG B 133 -22.41 26.83 -6.48
C ARG B 133 -23.22 26.10 -5.42
N SER B 134 -23.10 24.78 -5.41
CA SER B 134 -23.72 23.98 -4.37
C SER B 134 -22.82 24.03 -3.14
N ASP B 135 -23.32 23.55 -2.00
CA ASP B 135 -22.55 23.45 -0.77
C ASP B 135 -22.63 22.01 -0.31
N LYS B 136 -22.24 21.15 -1.23
CA LYS B 136 -22.16 19.74 -1.01
C LYS B 136 -20.73 19.27 -1.24
N PRO B 137 -20.25 18.37 -0.39
CA PRO B 137 -18.91 17.81 -0.60
C PRO B 137 -18.82 17.29 -2.01
N VAL B 138 -17.64 17.43 -2.62
CA VAL B 138 -17.43 17.02 -3.99
C VAL B 138 -16.44 15.89 -4.02
N VAL B 139 -16.70 14.90 -4.87
CA VAL B 139 -15.83 13.76 -5.05
C VAL B 139 -15.57 13.67 -6.51
N ALA B 140 -14.31 13.56 -6.90
CA ALA B 140 -14.03 13.87 -8.28
C ALA B 140 -13.15 12.80 -8.90
N SER B 141 -13.55 12.26 -10.04
CA SER B 141 -12.78 11.16 -10.64
C SER B 141 -11.85 11.67 -11.69
N THR B 142 -10.79 10.93 -11.97
CA THR B 142 -9.61 11.59 -12.52
C THR B 142 -8.97 10.92 -13.71
N ALA B 143 -9.55 9.82 -14.17
CA ALA B 143 -9.03 9.07 -15.30
C ALA B 143 -8.66 9.96 -16.47
N GLY B 144 -7.44 9.78 -16.96
CA GLY B 144 -6.91 10.49 -18.12
C GLY B 144 -6.94 12.02 -18.03
N ALA B 145 -6.97 12.57 -16.81
CA ALA B 145 -6.75 14.01 -16.67
C ALA B 145 -5.27 14.24 -16.76
N ARG B 146 -4.86 15.30 -17.44
CA ARG B 146 -3.45 15.69 -17.40
C ARG B 146 -3.17 16.38 -16.05
N ARG B 147 -1.90 16.39 -15.64
CA ARG B 147 -1.55 17.08 -14.39
C ARG B 147 -2.09 18.54 -14.26
N GLU B 148 -2.09 19.29 -15.34
CA GLU B 148 -2.35 20.71 -15.24
C GLU B 148 -3.82 20.93 -14.96
N ASP B 149 -4.62 19.97 -15.46
CA ASP B 149 -6.06 19.95 -15.25
C ASP B 149 -6.41 19.62 -13.84
N ILE B 150 -5.79 18.55 -13.34
CA ILE B 150 -6.01 18.20 -11.98
C ILE B 150 -5.65 19.36 -11.09
N ASP B 151 -4.52 20.01 -11.40
CA ASP B 151 -4.05 21.15 -10.63
C ASP B 151 -5.16 22.22 -10.63
N LYS B 152 -5.65 22.58 -11.82
CA LYS B 152 -6.63 23.65 -12.01
C LYS B 152 -7.87 23.37 -11.20
N VAL B 153 -8.44 22.19 -11.41
CA VAL B 153 -9.69 21.85 -10.80
C VAL B 153 -9.51 21.76 -9.32
N VAL B 154 -8.44 21.07 -8.92
CA VAL B 154 -8.14 21.03 -7.52
C VAL B 154 -8.14 22.43 -6.88
N SER B 155 -7.46 23.42 -7.46
CA SER B 155 -7.36 24.69 -6.73
C SER B 155 -8.67 25.39 -6.83
N PHE B 156 -9.31 25.24 -7.98
CA PHE B 156 -10.64 25.79 -8.17
C PHE B 156 -11.54 25.45 -7.00
N LEU B 158 -10.66 24.00 -4.13
CA LEU B 158 -10.12 24.22 -2.78
C LEU B 158 -10.26 25.65 -2.37
N HIS B 159 -10.13 26.55 -3.33
CA HIS B 159 -10.21 27.98 -3.07
C HIS B 159 -11.65 28.41 -2.86
N ARG B 160 -12.57 27.64 -3.44
CA ARG B 160 -13.99 27.80 -3.23
C ARG B 160 -14.45 27.29 -1.85
N GLY B 161 -13.58 26.60 -1.12
CA GLY B 161 -13.92 26.10 0.21
C GLY B 161 -14.47 24.67 0.19
N LYS B 162 -14.40 24.02 -0.97
CA LYS B 162 -15.00 22.68 -1.11
C LYS B 162 -14.29 21.61 -0.28
N ASP B 163 -15.07 20.62 0.14
CA ASP B 163 -14.60 19.41 0.74
C ASP B 163 -14.43 18.43 -0.41
N LEU B 164 -13.19 18.32 -0.90
CA LEU B 164 -12.86 17.63 -2.13
C LEU B 164 -12.21 16.28 -1.87
N THR B 165 -12.54 15.31 -2.71
CA THR B 165 -11.87 14.03 -2.78
C THR B 165 -11.51 13.81 -4.25
N ILE B 166 -10.32 13.29 -4.50
CA ILE B 166 -9.85 13.03 -5.84
C ILE B 166 -9.81 11.50 -5.97
N HIS B 168 -8.55 8.09 -8.08
CA HIS B 168 -7.86 7.46 -9.15
C HIS B 168 -8.90 6.61 -9.84
N CYS B 169 -8.99 6.70 -11.16
CA CYS B 169 -9.60 5.62 -11.92
C CYS B 169 -9.06 5.49 -13.30
N VAL B 170 -9.50 4.43 -13.97
CA VAL B 170 -9.05 4.14 -15.31
C VAL B 170 -10.29 3.91 -16.17
N ALA B 171 -10.34 4.57 -17.32
CA ALA B 171 -11.51 4.42 -18.23
C ALA B 171 -11.39 3.24 -19.19
N GLU B 172 -11.27 2.06 -18.63
CA GLU B 172 -11.38 0.85 -19.41
C GLU B 172 -12.42 0.06 -18.67
N TYR B 173 -13.43 -0.40 -19.41
CA TYR B 173 -14.57 -1.02 -18.80
C TYR B 173 -14.66 -2.44 -19.37
N PRO B 174 -14.16 -3.46 -18.64
CA PRO B 174 -13.45 -3.40 -17.37
C PRO B 174 -11.94 -3.13 -17.59
N THR B 175 -11.26 -2.80 -16.49
CA THR B 175 -9.83 -2.56 -16.47
C THR B 175 -9.09 -3.88 -16.26
N PRO B 176 -8.21 -4.27 -17.21
CA PRO B 176 -7.36 -5.44 -16.99
C PRO B 176 -6.43 -5.29 -15.79
N ASP B 177 -6.19 -6.38 -15.08
CA ASP B 177 -5.26 -6.42 -13.94
C ASP B 177 -3.96 -5.69 -14.25
N ASP B 178 -3.27 -6.15 -15.29
CA ASP B 178 -2.20 -5.42 -15.95
C ASP B 178 -2.27 -3.87 -15.79
N HIS B 179 -3.50 -3.32 -15.78
CA HIS B 179 -3.75 -1.93 -16.20
C HIS B 179 -4.36 -1.03 -15.15
N LEU B 180 -4.65 -1.61 -13.99
CA LEU B 180 -5.15 -0.91 -12.84
C LEU B 180 -4.33 0.30 -12.42
N HIS B 181 -3.05 0.24 -12.67
CA HIS B 181 -2.19 1.33 -12.33
C HIS B 181 -2.42 1.84 -10.90
N LEU B 182 -2.55 0.92 -9.93
CA LEU B 182 -2.92 1.32 -8.52
C LEU B 182 -2.00 2.34 -7.84
N ALA B 183 -0.78 2.50 -8.36
CA ALA B 183 0.21 3.38 -7.77
C ALA B 183 -0.07 4.81 -8.09
N ARG B 184 -1.07 5.08 -8.92
CA ARG B 184 -1.45 6.46 -9.07
C ARG B 184 -2.05 6.96 -7.75
N ILE B 185 -2.66 6.05 -7.00
CA ILE B 185 -3.08 6.38 -5.67
C ILE B 185 -2.00 7.04 -4.87
N LYS B 186 -0.80 6.47 -4.85
CA LYS B 186 0.29 7.11 -4.11
C LYS B 186 0.68 8.42 -4.79
N THR B 187 0.87 8.38 -6.10
CA THR B 187 1.27 9.57 -6.81
C THR B 187 0.37 10.72 -6.41
N LEU B 188 -0.93 10.49 -6.44
CA LEU B 188 -1.87 11.55 -6.21
C LEU B 188 -1.92 11.97 -4.78
N ARG B 189 -1.59 11.06 -3.85
CA ARG B 189 -1.55 11.44 -2.44
CA ARG B 189 -1.55 11.45 -2.45
C ARG B 189 -0.39 12.41 -2.30
N GLN B 190 0.70 12.11 -2.96
CA GLN B 190 1.88 12.91 -2.88
C GLN B 190 1.80 14.26 -3.60
N GLN B 191 1.04 14.38 -4.68
CA GLN B 191 1.00 15.68 -5.36
C GLN B 191 -0.03 16.62 -4.74
N TYR B 192 -1.06 16.03 -4.13
CA TYR B 192 -2.14 16.81 -3.54
C TYR B 192 -2.28 16.52 -2.10
N ALA B 193 -1.30 17.01 -1.36
CA ALA B 193 -1.22 16.74 0.06
C ALA B 193 -2.37 17.42 0.73
N GLY B 194 -3.02 16.70 1.65
CA GLY B 194 -4.06 17.28 2.46
C GLY B 194 -5.39 16.90 1.89
N VAL B 195 -5.43 16.74 0.56
CA VAL B 195 -6.62 16.32 -0.16
C VAL B 195 -6.90 14.82 0.00
N ARG B 196 -8.14 14.46 0.35
CA ARG B 196 -8.54 13.06 0.47
C ARG B 196 -8.45 12.34 -0.87
N ILE B 197 -7.90 11.12 -0.87
CA ILE B 197 -7.80 10.32 -2.08
C ILE B 197 -8.63 9.06 -2.03
N GLY B 198 -9.30 8.73 -3.09
CA GLY B 198 -9.96 7.47 -3.11
C GLY B 198 -9.59 6.77 -4.38
N TYR B 199 -10.29 5.67 -4.65
CA TYR B 199 -10.11 4.93 -5.84
C TYR B 199 -11.46 4.43 -6.30
N SER B 200 -11.81 4.72 -7.56
CA SER B 200 -12.97 4.11 -8.16
C SER B 200 -12.60 3.18 -9.30
N THR B 201 -13.23 2.02 -9.30
CA THR B 201 -12.62 0.95 -9.98
C THR B 201 -13.51 0.31 -11.00
N HIS B 202 -12.91 -0.32 -12.00
CA HIS B 202 -13.69 -0.99 -13.01
C HIS B 202 -13.10 -2.35 -13.30
N GLU B 203 -12.86 -3.13 -12.23
CA GLU B 203 -11.97 -4.24 -12.27
C GLU B 203 -12.64 -5.63 -12.34
N ASP B 204 -13.43 -5.97 -11.34
CA ASP B 204 -13.36 -7.36 -10.91
C ASP B 204 -14.01 -8.25 -11.88
N PRO B 205 -13.21 -9.18 -12.45
CA PRO B 205 -13.71 -10.54 -12.53
C PRO B 205 -13.35 -11.12 -11.17
N ASP B 206 -14.04 -10.64 -10.09
CA ASP B 206 -13.86 -11.20 -8.73
C ASP B 206 -12.62 -10.79 -7.94
N LEU B 207 -11.85 -9.82 -8.43
CA LEU B 207 -10.59 -9.46 -7.82
C LEU B 207 -10.76 -8.94 -6.41
N GLU B 209 -7.68 -8.35 -4.52
CA GLU B 209 -6.43 -7.78 -4.07
C GLU B 209 -6.30 -6.25 -4.26
N PRO B 210 -6.92 -5.69 -5.32
CA PRO B 210 -6.70 -4.26 -5.58
C PRO B 210 -7.18 -3.38 -4.48
N ILE B 211 -8.34 -3.68 -3.90
CA ILE B 211 -8.77 -2.87 -2.77
C ILE B 211 -7.79 -2.90 -1.59
N LEU B 213 -4.70 -3.21 -1.90
CA LEU B 213 -3.60 -2.35 -2.35
C LEU B 213 -3.98 -0.85 -2.28
N ALA B 214 -5.18 -0.54 -2.73
CA ALA B 214 -5.73 0.79 -2.62
C ALA B 214 -5.56 1.29 -1.19
N VAL B 215 -6.02 0.46 -0.29
CA VAL B 215 -6.10 0.85 1.09
C VAL B 215 -4.69 1.07 1.61
N ALA B 216 -3.79 0.18 1.20
CA ALA B 216 -2.41 0.26 1.68
C ALA B 216 -1.72 1.55 1.21
N GLN B 217 -2.20 2.13 0.11
CA GLN B 217 -1.63 3.39 -0.32
C GLN B 217 -2.33 4.61 0.27
N GLY B 218 -3.33 4.34 1.10
CA GLY B 218 -3.96 5.37 1.88
C GLY B 218 -5.10 6.02 1.13
N ALA B 219 -5.78 5.26 0.28
CA ALA B 219 -7.07 5.69 -0.24
C ALA B 219 -8.04 5.58 0.91
N THR B 220 -9.08 6.40 0.96
CA THR B 220 -9.99 6.31 2.08
C THR B 220 -11.41 6.27 1.56
N VAL B 221 -11.57 6.47 0.27
CA VAL B 221 -12.90 6.48 -0.35
C VAL B 221 -12.81 5.51 -1.51
N PHE B 222 -13.76 4.58 -1.57
CA PHE B 222 -13.70 3.54 -2.62
C PHE B 222 -15.03 3.52 -3.33
N GLU B 223 -15.00 3.41 -4.65
CA GLU B 223 -16.23 3.29 -5.44
C GLU B 223 -16.20 2.06 -6.33
N LYS B 224 -17.33 1.41 -6.51
CA LYS B 224 -17.44 0.20 -7.35
C LYS B 224 -18.85 0.12 -7.89
N HIS B 225 -19.01 -0.29 -9.14
CA HIS B 225 -20.35 -0.50 -9.70
C HIS B 225 -20.99 -1.74 -9.12
N VAL B 226 -22.31 -1.72 -8.92
CA VAL B 226 -23.01 -2.84 -8.30
C VAL B 226 -24.30 -3.18 -9.05
N GLY B 227 -24.79 -4.42 -8.91
CA GLY B 227 -25.94 -4.88 -9.66
C GLY B 227 -26.57 -6.12 -9.02
N LEU B 228 -27.74 -6.50 -9.49
CA LEU B 228 -28.41 -7.55 -8.83
C LEU B 228 -28.86 -8.52 -9.93
N PRO B 229 -28.01 -9.47 -10.29
CA PRO B 229 -28.30 -10.43 -11.34
C PRO B 229 -29.56 -11.14 -10.97
N THR B 230 -30.37 -11.44 -11.97
CA THR B 230 -31.78 -11.71 -11.71
C THR B 230 -32.38 -12.67 -12.71
N ASP B 231 -31.61 -12.99 -13.75
CA ASP B 231 -32.07 -13.81 -14.89
C ASP B 231 -33.14 -13.12 -15.77
N GLN B 232 -34.02 -12.37 -15.14
CA GLN B 232 -34.77 -11.35 -15.85
C GLN B 232 -33.81 -10.23 -16.33
N TYR B 233 -32.76 -9.95 -15.54
CA TYR B 233 -31.66 -9.02 -15.93
C TYR B 233 -30.31 -9.64 -15.64
N GLY B 234 -29.35 -9.47 -16.55
CA GLY B 234 -27.97 -9.86 -16.26
C GLY B 234 -27.13 -8.72 -15.71
N ILE B 235 -25.84 -8.89 -15.75
CA ILE B 235 -24.99 -7.91 -15.13
C ILE B 235 -23.72 -7.81 -15.91
N ASN B 236 -23.25 -6.60 -16.14
CA ASN B 236 -22.04 -6.41 -16.90
C ASN B 236 -20.80 -6.71 -16.11
N ASN B 237 -19.68 -6.76 -16.79
CA ASN B 237 -18.45 -7.22 -16.18
C ASN B 237 -17.51 -6.23 -15.54
N TYR B 238 -17.98 -5.12 -15.02
CA TYR B 238 -17.14 -4.29 -14.25
C TYR B 238 -18.00 -3.86 -13.10
N SER B 239 -19.10 -4.58 -12.89
CA SER B 239 -19.96 -4.28 -11.77
C SER B 239 -20.34 -5.52 -11.00
N ALA B 240 -20.44 -5.37 -9.68
CA ALA B 240 -20.33 -6.49 -8.75
C ALA B 240 -21.67 -6.86 -8.18
N ASN B 241 -21.88 -8.14 -7.91
CA ASN B 241 -23.15 -8.54 -7.29
C ASN B 241 -23.09 -8.39 -5.76
N PRO B 242 -24.18 -8.76 -5.06
CA PRO B 242 -24.15 -8.57 -3.61
C PRO B 242 -23.18 -9.51 -2.92
N GLU B 243 -23.09 -10.74 -3.38
CA GLU B 243 -22.15 -11.68 -2.80
C GLU B 243 -20.78 -11.05 -2.94
N GLN B 244 -20.45 -10.59 -4.12
CA GLN B 244 -19.07 -10.23 -4.28
C GLN B 244 -18.78 -8.83 -3.72
N VAL B 245 -19.82 -8.04 -3.44
CA VAL B 245 -19.60 -6.83 -2.66
C VAL B 245 -19.17 -7.13 -1.22
N ARG B 246 -19.73 -8.14 -0.57
CA ARG B 246 -19.32 -8.45 0.83
C ARG B 246 -17.88 -8.90 0.83
N ARG B 247 -17.54 -9.83 -0.07
CA ARG B 247 -16.16 -10.20 -0.19
C ARG B 247 -15.26 -8.96 -0.31
N TRP B 248 -15.66 -8.02 -1.15
CA TRP B 248 -14.84 -6.85 -1.40
C TRP B 248 -14.52 -6.13 -0.10
N LEU B 249 -15.57 -5.92 0.67
CA LEU B 249 -15.49 -5.19 1.92
C LEU B 249 -14.70 -5.98 2.91
N ALA B 250 -14.93 -7.28 2.94
CA ALA B 250 -14.09 -8.14 3.78
C ALA B 250 -12.61 -8.05 3.40
N ALA B 251 -12.30 -7.97 2.10
CA ALA B 251 -10.90 -7.76 1.75
C ALA B 251 -10.40 -6.45 2.40
N ALA B 252 -11.14 -5.35 2.21
CA ALA B 252 -10.78 -4.07 2.80
C ALA B 252 -10.52 -4.23 4.29
N ALA B 253 -11.50 -4.76 5.02
CA ALA B 253 -11.34 -4.99 6.47
C ALA B 253 -10.07 -5.76 6.81
N ARG B 254 -9.82 -6.83 6.06
CA ARG B 254 -8.66 -7.62 6.35
C ARG B 254 -7.38 -6.77 6.19
N ALA B 255 -7.30 -6.02 5.10
CA ALA B 255 -6.17 -5.16 4.83
C ALA B 255 -5.91 -4.19 6.01
N LEU B 256 -6.97 -3.53 6.47
CA LEU B 256 -6.89 -2.65 7.62
C LEU B 256 -6.36 -3.43 8.80
N ALA B 257 -6.91 -4.61 9.06
CA ALA B 257 -6.41 -5.43 10.15
C ALA B 257 -4.90 -5.64 10.00
N LEU B 259 -2.70 -4.06 8.24
CA LEU B 259 -1.94 -2.84 8.29
C LEU B 259 -1.76 -2.28 9.69
N GLY B 260 -2.82 -2.31 10.51
CA GLY B 260 -2.83 -1.62 11.81
C GLY B 260 -2.61 -0.11 11.72
N ASP B 261 -2.22 0.51 12.82
CA ASP B 261 -2.23 1.98 12.94
C ASP B 261 -0.82 2.55 12.79
N GLY B 262 -0.55 3.24 11.70
CA GLY B 262 0.75 3.86 11.53
C GLY B 262 1.30 4.68 12.70
N GLU B 263 0.40 5.33 13.44
CA GLU B 263 0.77 6.28 14.48
C GLU B 263 0.82 5.68 15.91
N ASP B 264 0.74 4.36 15.99
CA ASP B 264 0.79 3.66 17.26
C ASP B 264 2.16 3.03 17.50
N ASP B 265 2.90 3.53 18.49
CA ASP B 265 4.30 3.10 18.77
C ASP B 265 4.43 2.20 20.00
N ALA B 266 3.31 1.94 20.66
CA ALA B 266 3.31 1.04 21.79
C ALA B 266 3.83 -0.33 21.36
N VAL B 267 4.85 -0.80 22.05
CA VAL B 267 5.33 -2.19 21.83
C VAL B 267 4.86 -3.19 22.93
N SER B 268 4.63 -4.44 22.52
CA SER B 268 3.99 -5.42 23.40
C SER B 268 4.94 -6.00 24.42
N GLU B 269 4.36 -6.63 25.45
CA GLU B 269 5.10 -7.41 26.44
C GLU B 269 5.71 -8.63 25.74
N THR B 270 4.91 -9.33 24.96
CA THR B 270 5.38 -10.49 24.21
C THR B 270 6.61 -10.13 23.39
N GLU B 271 6.53 -9.03 22.67
CA GLU B 271 7.60 -8.57 21.84
C GLU B 271 8.82 -8.22 22.68
N GLN B 272 8.62 -7.35 23.67
CA GLN B 272 9.73 -6.89 24.51
C GLN B 272 10.44 -8.08 25.17
N ALA B 273 9.65 -9.05 25.62
CA ALA B 273 10.19 -10.20 26.31
C ALA B 273 10.88 -11.11 25.33
N SER B 274 10.34 -11.22 24.13
CA SER B 274 11.04 -11.95 23.06
C SER B 274 12.41 -11.39 22.83
N LEU B 275 12.53 -10.09 22.56
CA LEU B 275 13.84 -9.48 22.28
C LEU B 275 14.87 -9.72 23.37
N ARG B 276 14.48 -9.51 24.62
CA ARG B 276 15.39 -9.75 25.74
C ARG B 276 16.03 -11.15 25.66
N SER B 277 15.27 -12.15 25.25
CA SER B 277 15.75 -13.52 25.39
C SER B 277 16.82 -13.89 24.36
N LEU B 278 17.00 -13.05 23.36
CA LEU B 278 18.09 -13.26 22.42
C LEU B 278 19.31 -12.32 22.64
N ARG B 279 19.23 -11.42 23.62
CA ARG B 279 20.24 -10.38 23.90
C ARG B 279 21.44 -10.87 24.71
N ARG B 280 22.58 -10.22 24.51
CA ARG B 280 23.75 -10.53 25.31
C ARG B 280 23.63 -9.89 26.70
N GLY B 281 23.78 -10.67 27.74
CA GLY B 281 23.87 -10.08 29.06
C GLY B 281 25.30 -9.74 29.39
N VAL B 282 25.51 -9.18 30.57
CA VAL B 282 26.88 -8.75 30.92
C VAL B 282 27.47 -9.49 32.12
N PHE B 283 28.64 -10.10 31.91
CA PHE B 283 29.26 -10.94 32.91
C PHE B 283 30.60 -10.38 33.26
N ALA B 284 30.90 -10.41 34.55
CA ALA B 284 32.18 -10.02 35.09
C ALA B 284 33.20 -11.10 34.77
N THR B 285 34.34 -10.71 34.16
CA THR B 285 35.42 -11.66 33.82
C THR B 285 36.53 -11.82 34.88
N ARG B 286 36.62 -10.86 35.81
CA ARG B 286 37.46 -10.99 37.01
C ARG B 286 36.62 -10.55 38.21
N PRO B 287 37.09 -10.81 39.44
CA PRO B 287 36.32 -10.18 40.52
C PRO B 287 36.21 -8.65 40.37
N VAL B 288 35.15 -8.09 40.93
CA VAL B 288 34.92 -6.66 40.88
C VAL B 288 34.63 -6.15 42.28
N ALA B 289 35.60 -5.44 42.85
CA ALA B 289 35.45 -4.85 44.18
C ALA B 289 34.26 -3.88 44.20
N ALA B 290 33.76 -3.59 45.39
CA ALA B 290 32.70 -2.59 45.55
C ALA B 290 33.27 -1.23 45.15
N GLY B 291 32.42 -0.36 44.61
CA GLY B 291 32.85 0.97 44.12
C GLY B 291 33.99 0.95 43.11
N GLU B 292 34.11 -0.14 42.36
CA GLU B 292 35.11 -0.23 41.29
C GLU B 292 34.40 -0.08 39.94
N ALA B 293 35.06 0.57 38.99
CA ALA B 293 34.45 0.85 37.70
C ALA B 293 34.46 -0.40 36.81
N LEU B 294 33.49 -0.50 35.91
CA LEU B 294 33.38 -1.62 34.97
C LEU B 294 33.83 -1.13 33.61
N THR B 295 34.72 -1.89 32.99
CA THR B 295 35.33 -1.52 31.70
C THR B 295 35.43 -2.75 30.84
N ALA B 296 35.93 -2.55 29.61
CA ALA B 296 36.12 -3.64 28.66
C ALA B 296 37.09 -4.69 29.21
N ASP B 297 37.96 -4.23 30.10
CA ASP B 297 38.93 -5.09 30.78
C ASP B 297 38.24 -6.18 31.61
N ASN B 298 37.17 -5.82 32.32
CA ASN B 298 36.57 -6.76 33.25
C ASN B 298 35.21 -7.40 32.89
N VAL B 299 34.67 -7.11 31.71
CA VAL B 299 33.39 -7.70 31.32
C VAL B 299 33.39 -8.41 29.98
N SER B 300 32.67 -9.52 29.93
CA SER B 300 32.40 -10.18 28.68
C SER B 300 30.91 -9.99 28.44
N PHE B 301 30.50 -10.22 27.19
CA PHE B 301 29.08 -10.26 26.81
C PHE B 301 28.75 -11.65 26.35
N ALA B 302 27.61 -12.17 26.82
CA ALA B 302 27.21 -13.52 26.46
C ALA B 302 25.73 -13.69 26.69
N PHE B 303 25.19 -14.81 26.24
CA PHE B 303 23.76 -15.00 26.26
C PHE B 303 23.40 -16.23 27.10
N PRO B 304 22.21 -16.25 27.70
CA PRO B 304 21.17 -15.25 27.73
C PRO B 304 21.27 -14.51 29.06
N PRO B 305 20.65 -13.35 29.17
CA PRO B 305 20.53 -12.65 30.44
C PRO B 305 19.42 -13.23 31.31
N VAL B 306 19.30 -12.73 32.53
CA VAL B 306 18.10 -12.96 33.36
C VAL B 306 17.62 -11.67 34.06
N GLU B 307 16.35 -11.63 34.45
CA GLU B 307 15.84 -10.43 35.17
C GLU B 307 16.71 -10.21 36.40
N GLY B 308 17.24 -9.01 36.65
CA GLY B 308 17.48 -7.96 35.69
C GLY B 308 19.00 -7.73 35.64
N GLN B 309 19.66 -8.54 34.82
CA GLN B 309 21.10 -8.44 34.47
C GLN B 309 21.36 -7.24 33.55
N LEU B 310 22.57 -6.67 33.57
CA LEU B 310 22.88 -5.62 32.61
C LEU B 310 23.02 -6.29 31.25
N THR B 311 22.82 -5.54 30.15
CA THR B 311 22.66 -6.20 28.86
C THR B 311 23.43 -5.86 27.60
N ALA B 312 24.49 -5.09 27.61
CA ALA B 312 25.18 -4.85 26.30
C ALA B 312 24.48 -3.81 25.46
N ASN B 313 23.16 -3.96 25.34
CA ASN B 313 22.34 -2.94 24.75
C ASN B 313 22.27 -1.75 25.68
N GLU B 314 22.91 -1.89 26.84
CA GLU B 314 23.12 -0.77 27.76
C GLU B 314 24.61 -0.50 28.06
N TRP B 315 25.47 -1.00 27.17
CA TRP B 315 26.89 -0.73 27.20
C TRP B 315 27.24 0.42 26.21
N SER B 316 26.76 1.61 26.53
CA SER B 316 27.06 2.80 25.73
C SER B 316 28.40 3.40 26.14
N LYS B 317 29.19 3.84 25.17
CA LYS B 317 30.45 4.48 25.47
C LYS B 317 30.21 5.83 26.15
N TYR B 318 28.94 6.17 26.33
CA TYR B 318 28.54 7.39 27.02
C TYR B 318 28.08 7.14 28.46
N VAL B 319 28.25 5.92 28.94
CA VAL B 319 27.72 5.58 30.27
C VAL B 319 28.75 4.88 31.19
N ARG B 320 28.95 5.46 32.37
CA ARG B 320 29.87 4.95 33.38
C ARG B 320 29.15 4.03 34.37
N TYR B 321 29.72 2.86 34.63
CA TYR B 321 29.17 1.96 35.65
C TYR B 321 30.20 1.64 36.77
N THR B 322 29.80 1.86 38.02
CA THR B 322 30.59 1.50 39.21
C THR B 322 29.76 0.56 40.10
N ALA B 323 30.40 -0.49 40.59
CA ALA B 323 29.72 -1.47 41.43
C ALA B 323 29.35 -0.90 42.80
N LYS B 324 28.11 -1.08 43.20
CA LYS B 324 27.69 -0.74 44.54
C LYS B 324 28.40 -1.73 45.47
N THR B 325 28.07 -3.03 45.33
CA THR B 325 28.69 -4.11 46.12
C THR B 325 29.55 -5.04 45.25
N PRO B 326 30.35 -5.92 45.88
CA PRO B 326 31.32 -6.71 45.11
C PRO B 326 30.69 -7.77 44.21
N ILE B 327 31.25 -7.91 43.01
CA ILE B 327 30.81 -8.90 42.01
C ILE B 327 31.88 -9.96 41.72
N ALA B 328 31.49 -11.23 41.86
CA ALA B 328 32.39 -12.37 41.63
C ALA B 328 32.75 -12.53 40.15
N ALA B 329 33.96 -12.99 39.87
CA ALA B 329 34.27 -13.44 38.52
C ALA B 329 33.17 -14.39 38.03
N ASP B 330 32.92 -14.33 36.72
CA ASP B 330 32.03 -15.23 35.98
C ASP B 330 30.54 -15.02 36.28
N ALA B 331 30.24 -14.01 37.10
CA ALA B 331 28.87 -13.71 37.51
C ALA B 331 28.17 -12.65 36.61
N PRO B 332 26.82 -12.71 36.55
CA PRO B 332 26.01 -11.69 35.86
C PRO B 332 26.12 -10.34 36.53
N VAL B 333 26.36 -9.30 35.75
CA VAL B 333 26.28 -7.97 36.28
C VAL B 333 24.81 -7.70 36.45
N ALA B 335 21.97 -5.24 37.45
CA ALA B 335 21.78 -3.79 37.36
C ALA B 335 21.68 -3.09 38.70
N ALA B 336 20.89 -3.67 39.61
CA ALA B 336 20.69 -3.12 40.96
C ALA B 336 21.98 -3.01 41.76
N ASP B 337 23.08 -3.49 41.18
CA ASP B 337 24.39 -3.41 41.81
C ASP B 337 25.30 -2.30 41.25
N LEU B 338 24.77 -1.40 40.41
CA LEU B 338 25.62 -0.35 39.81
C LEU B 338 25.28 1.11 40.26
N GLU B 339 25.78 2.10 39.51
CA GLU B 339 25.57 3.54 39.79
C GLU B 339 25.64 4.45 38.55
N PRO B 340 24.52 4.60 37.77
CA PRO B 340 24.51 5.48 36.58
C PRO B 340 25.04 6.89 36.86
#